data_5UFC
#
_entry.id   5UFC
#
_cell.length_a   98.916
_cell.length_b   98.916
_cell.length_c   162.875
_cell.angle_alpha   90.000
_cell.angle_beta   90.000
_cell.angle_gamma   120.000
#
_symmetry.space_group_name_H-M   'P 31 2 1'
#
loop_
_entity.id
_entity.type
_entity.pdbx_description
1 polymer Tn4-22
2 branched alpha-L-fucopyranose-(1-2)-beta-D-galactopyranose-(1-4)-2-acetamido-2-deoxy-beta-D-glucopyranose
3 water water
#
_entity_poly.entity_id   1
_entity_poly.type   'polypeptide(L)'
_entity_poly.pdbx_seq_one_letter_code
;HHHHHHGGCPSQCSCRGTYVDCDSRRLASVPAGIPTNVQILNLYNNQITNLEPGVFDRLVNLQKLYLSGNQLQALPVGVF
DKLSQLTFLSLDENKLTALPNGVFDKLTELTYLNLNTNQLTALPEGVFDRLVHLKELLMCCNKLTELPRGIERLTHLTHL
ALDQNQLKSIPHGAFDRLSSLTHAYLFGNPWDCECRDIMYLRNWVADHTSIVMRWDGKAVNDPDSAKCAGTNTPVRAVTE
ASTSPSKC
;
_entity_poly.pdbx_strand_id   A,B,C
#
# COMPACT_ATOMS: atom_id res chain seq x y z
N CYS A 9 32.19 -12.30 16.85
CA CYS A 9 31.64 -11.86 18.13
C CYS A 9 32.75 -11.43 19.09
N PRO A 10 32.53 -10.31 19.81
CA PRO A 10 33.53 -9.86 20.79
C PRO A 10 33.70 -10.91 21.87
N SER A 11 34.93 -11.03 22.37
CA SER A 11 35.27 -12.06 23.35
C SER A 11 34.36 -12.08 24.58
N GLN A 12 33.98 -10.90 25.05
CA GLN A 12 33.27 -10.84 26.32
C GLN A 12 31.76 -10.73 26.15
N CYS A 13 31.29 -10.76 24.91
CA CYS A 13 29.86 -10.68 24.62
C CYS A 13 29.34 -12.01 24.10
N SER A 14 28.03 -12.07 23.85
CA SER A 14 27.39 -13.25 23.29
C SER A 14 26.56 -12.85 22.08
N CYS A 15 26.71 -13.58 20.99
CA CYS A 15 25.95 -13.28 19.76
C CYS A 15 25.09 -14.47 19.42
N ARG A 16 23.86 -14.22 18.97
CA ARG A 16 22.96 -15.34 18.70
C ARG A 16 22.60 -15.41 17.22
N GLY A 17 22.44 -14.26 16.60
CA GLY A 17 22.32 -14.22 15.16
C GLY A 17 22.87 -12.88 14.76
N THR A 18 21.97 -11.94 14.49
CA THR A 18 22.37 -10.55 14.30
C THR A 18 22.20 -9.79 15.62
N TYR A 19 22.00 -10.53 16.70
CA TYR A 19 21.88 -9.93 18.03
C TYR A 19 23.19 -10.04 18.79
N VAL A 20 23.80 -8.90 19.09
CA VAL A 20 25.05 -8.85 19.83
C VAL A 20 24.78 -8.38 21.27
N ASP A 21 24.90 -9.29 22.23
CA ASP A 21 24.55 -9.00 23.62
C ASP A 21 25.79 -8.68 24.45
N CYS A 22 25.98 -7.40 24.73
CA CYS A 22 27.12 -6.95 25.51
C CYS A 22 26.64 -6.33 26.81
N ASP A 23 25.44 -6.69 27.24
CA ASP A 23 24.83 -6.01 28.38
C ASP A 23 25.38 -6.55 29.69
N SER A 24 25.42 -5.68 30.69
CA SER A 24 25.74 -6.06 32.07
C SER A 24 27.05 -6.84 32.17
N ARG A 25 28.09 -6.34 31.53
CA ARG A 25 29.36 -7.05 31.49
C ARG A 25 30.54 -6.19 31.90
N ARG A 26 30.25 -5.12 32.63
CA ARG A 26 31.27 -4.25 33.20
C ARG A 26 32.26 -3.71 32.19
N LEU A 27 31.80 -3.48 30.97
CA LEU A 27 32.69 -3.00 29.91
C LEU A 27 33.02 -1.54 30.11
N ALA A 28 34.31 -1.20 29.97
CA ALA A 28 34.75 0.17 30.18
C ALA A 28 34.87 0.91 28.85
N SER A 29 34.65 0.19 27.75
CA SER A 29 34.72 0.77 26.42
C SER A 29 33.93 -0.13 25.47
N VAL A 30 33.55 0.38 24.30
CA VAL A 30 32.89 -0.48 23.32
C VAL A 30 33.89 -1.54 22.88
N PRO A 31 33.51 -2.82 22.99
CA PRO A 31 34.45 -3.91 22.69
C PRO A 31 34.80 -4.04 21.20
N ALA A 32 35.94 -4.66 20.94
CA ALA A 32 36.57 -4.65 19.62
C ALA A 32 35.90 -5.47 18.53
N GLY A 33 35.32 -6.62 18.85
CA GLY A 33 34.98 -7.52 17.75
C GLY A 33 33.56 -7.58 17.22
N ILE A 34 32.86 -6.45 17.15
CA ILE A 34 31.44 -6.47 16.79
C ILE A 34 31.26 -6.74 15.30
N PRO A 35 30.50 -7.79 14.97
CA PRO A 35 30.31 -8.22 13.58
C PRO A 35 29.54 -7.21 12.74
N THR A 36 29.87 -7.14 11.46
CA THR A 36 29.28 -6.16 10.56
C THR A 36 27.79 -6.44 10.30
N ASN A 37 27.38 -7.68 10.54
CA ASN A 37 25.99 -8.08 10.27
C ASN A 37 25.02 -7.71 11.41
N VAL A 38 25.53 -7.05 12.44
CA VAL A 38 24.72 -6.82 13.64
C VAL A 38 23.51 -5.93 13.33
N GLN A 39 22.37 -6.35 13.86
CA GLN A 39 21.13 -5.58 13.76
C GLN A 39 20.69 -5.00 15.10
N ILE A 40 20.94 -5.72 16.19
CA ILE A 40 20.66 -5.22 17.52
C ILE A 40 21.93 -5.29 18.36
N LEU A 41 22.41 -4.14 18.79
CA LEU A 41 23.62 -4.08 19.62
C LEU A 41 23.25 -3.61 21.01
N ASN A 42 23.35 -4.52 21.97
CA ASN A 42 22.95 -4.23 23.34
C ASN A 42 24.16 -3.99 24.25
N LEU A 43 24.39 -2.73 24.57
CA LEU A 43 25.47 -2.32 25.46
C LEU A 43 24.94 -1.79 26.78
N TYR A 44 23.70 -2.13 27.10
CA TYR A 44 23.06 -1.68 28.33
C TYR A 44 23.79 -2.09 29.62
N ASN A 45 23.84 -1.17 30.58
CA ASN A 45 24.32 -1.48 31.93
C ASN A 45 25.81 -1.83 31.95
N ASN A 46 26.65 -0.91 31.49
CA ASN A 46 28.08 -1.08 31.61
C ASN A 46 28.68 0.16 32.24
N GLN A 47 29.97 0.41 32.04
CA GLN A 47 30.61 1.59 32.60
C GLN A 47 31.39 2.32 31.49
N ILE A 48 30.79 2.37 30.31
CA ILE A 48 31.43 3.04 29.17
C ILE A 48 31.42 4.54 29.39
N THR A 49 32.59 5.18 29.24
CA THR A 49 32.68 6.60 29.59
C THR A 49 32.78 7.50 28.37
N ASN A 50 33.12 6.92 27.22
CA ASN A 50 33.10 7.69 25.97
C ASN A 50 33.03 6.79 24.75
N LEU A 51 32.69 7.39 23.63
CA LEU A 51 32.66 6.70 22.35
C LEU A 51 33.78 7.27 21.51
N GLU A 52 34.55 6.41 20.86
CA GLU A 52 35.59 6.85 19.94
C GLU A 52 34.95 7.32 18.64
N PRO A 53 35.43 8.44 18.09
CA PRO A 53 34.92 9.15 16.90
C PRO A 53 34.19 8.32 15.83
N GLY A 54 34.74 7.22 15.35
CA GLY A 54 34.03 6.48 14.30
C GLY A 54 33.62 5.07 14.69
N VAL A 55 33.37 4.86 15.98
CA VAL A 55 33.20 3.50 16.50
C VAL A 55 32.06 2.68 15.82
N PHE A 56 30.96 3.33 15.47
CA PHE A 56 29.84 2.59 14.86
C PHE A 56 29.79 2.65 13.32
N ASP A 57 30.77 3.28 12.68
CA ASP A 57 30.65 3.60 11.25
C ASP A 57 30.52 2.36 10.36
N ARG A 58 31.08 1.23 10.78
CA ARG A 58 30.98 0.01 9.96
C ARG A 58 29.68 -0.76 10.24
N LEU A 59 28.98 -0.38 11.30
CA LEU A 59 27.79 -1.13 11.72
C LEU A 59 26.53 -0.60 10.99
N VAL A 60 26.58 -0.64 9.67
CA VAL A 60 25.59 0.01 8.80
C VAL A 60 24.23 -0.71 8.79
N ASN A 61 24.17 -1.94 9.27
CA ASN A 61 22.89 -2.64 9.34
C ASN A 61 22.16 -2.52 10.69
N LEU A 62 22.73 -1.77 11.64
CA LEU A 62 22.07 -1.62 12.95
C LEU A 62 20.64 -1.12 12.87
N GLN A 63 19.74 -1.79 13.58
CA GLN A 63 18.37 -1.32 13.73
C GLN A 63 18.08 -0.80 15.13
N LYS A 64 18.68 -1.45 16.13
CA LYS A 64 18.49 -1.04 17.52
C LYS A 64 19.82 -0.92 18.22
N LEU A 65 20.03 0.20 18.91
CA LEU A 65 21.28 0.44 19.63
C LEU A 65 20.96 0.84 21.07
N TYR A 66 21.30 -0.03 22.01
CA TYR A 66 21.07 0.25 23.43
C TYR A 66 22.35 0.73 24.11
N LEU A 67 22.38 2.01 24.47
CA LEU A 67 23.53 2.55 25.19
C LEU A 67 23.09 2.96 26.60
N SER A 68 21.86 2.57 26.95
CA SER A 68 21.31 2.80 28.28
C SER A 68 22.26 2.36 29.40
N GLY A 69 22.32 3.13 30.47
CA GLY A 69 22.97 2.70 31.69
C GLY A 69 24.48 2.70 31.56
N ASN A 70 25.04 3.80 31.08
CA ASN A 70 26.48 3.91 31.05
C ASN A 70 26.93 5.25 31.66
N GLN A 71 28.11 5.74 31.30
CA GLN A 71 28.64 6.95 31.95
C GLN A 71 29.13 7.98 30.94
N LEU A 72 28.43 8.05 29.82
CA LEU A 72 28.74 9.00 28.75
C LEU A 72 28.43 10.42 29.16
N GLN A 73 29.40 11.33 28.99
CA GLN A 73 29.15 12.76 29.23
C GLN A 73 28.96 13.53 27.92
N ALA A 74 29.49 12.98 26.84
CA ALA A 74 29.41 13.63 25.54
C ALA A 74 29.38 12.59 24.46
N LEU A 75 29.05 12.99 23.24
CA LEU A 75 29.14 12.14 22.07
C LEU A 75 30.01 12.83 21.04
N PRO A 76 30.82 12.06 20.31
CA PRO A 76 31.59 12.59 19.18
C PRO A 76 30.67 13.10 18.07
N VAL A 77 31.06 14.20 17.43
CA VAL A 77 30.32 14.70 16.27
C VAL A 77 30.21 13.59 15.23
N GLY A 78 29.01 13.40 14.67
CA GLY A 78 28.80 12.41 13.62
C GLY A 78 28.79 10.95 14.05
N VAL A 79 28.73 10.68 15.35
CA VAL A 79 28.87 9.30 15.81
C VAL A 79 27.77 8.34 15.30
N PHE A 80 26.57 8.85 15.01
CA PHE A 80 25.51 7.98 14.50
C PHE A 80 25.28 8.11 12.98
N ASP A 81 26.11 8.86 12.27
CA ASP A 81 25.76 9.28 10.89
C ASP A 81 25.64 8.13 9.88
N LYS A 82 26.30 7.01 10.14
CA LYS A 82 26.28 5.90 9.19
C LYS A 82 25.16 4.90 9.47
N LEU A 83 24.38 5.15 10.51
CA LEU A 83 23.36 4.18 10.93
C LEU A 83 22.02 4.45 10.25
N SER A 84 21.99 4.29 8.93
CA SER A 84 20.85 4.71 8.11
C SER A 84 19.63 3.83 8.31
N GLN A 85 19.79 2.68 8.94
CA GLN A 85 18.68 1.79 9.19
C GLN A 85 18.14 1.88 10.62
N LEU A 86 18.76 2.71 11.46
CA LEU A 86 18.43 2.68 12.90
C LEU A 86 16.99 3.13 13.19
N THR A 87 16.26 2.32 13.97
CA THR A 87 14.90 2.66 14.34
C THR A 87 14.76 2.96 15.83
N PHE A 88 15.69 2.42 16.62
CA PHE A 88 15.59 2.46 18.08
C PHE A 88 16.94 2.92 18.67
N LEU A 89 16.93 4.01 19.43
CA LEU A 89 18.16 4.48 20.09
C LEU A 89 17.89 4.83 21.55
N SER A 90 18.52 4.13 22.49
CA SER A 90 18.38 4.52 23.89
C SER A 90 19.71 5.03 24.48
N LEU A 91 19.65 6.21 25.10
CA LEU A 91 20.82 6.86 25.70
C LEU A 91 20.50 7.19 27.15
N ASP A 92 19.44 6.59 27.68
CA ASP A 92 18.97 6.92 29.01
C ASP A 92 19.96 6.44 30.08
N GLU A 93 19.90 7.06 31.24
CA GLU A 93 20.84 6.82 32.35
C GLU A 93 22.29 6.88 31.91
N ASN A 94 22.67 8.01 31.36
CA ASN A 94 24.07 8.34 31.21
C ASN A 94 24.25 9.65 31.97
N LYS A 95 25.22 10.48 31.61
CA LYS A 95 25.33 11.78 32.25
C LYS A 95 25.68 12.85 31.23
N LEU A 96 24.96 12.79 30.11
CA LEU A 96 25.22 13.70 29.00
C LEU A 96 24.92 15.14 29.40
N THR A 97 25.87 16.03 29.17
CA THR A 97 25.69 17.43 29.53
C THR A 97 25.37 18.25 28.30
N ALA A 98 25.60 17.69 27.11
CA ALA A 98 25.21 18.31 25.86
C ALA A 98 25.20 17.28 24.73
N LEU A 99 24.57 17.63 23.62
CA LEU A 99 24.60 16.84 22.39
C LEU A 99 25.25 17.66 21.27
N PRO A 100 25.99 17.00 20.38
CA PRO A 100 26.57 17.80 19.27
C PRO A 100 25.47 18.25 18.29
N ASN A 101 25.71 19.36 17.60
CA ASN A 101 24.81 19.80 16.54
C ASN A 101 24.59 18.66 15.54
N GLY A 102 23.35 18.50 15.10
CA GLY A 102 23.02 17.52 14.06
C GLY A 102 23.16 16.05 14.43
N VAL A 103 23.29 15.76 15.72
CA VAL A 103 23.64 14.41 16.16
C VAL A 103 22.68 13.32 15.65
N PHE A 104 21.40 13.65 15.47
CA PHE A 104 20.44 12.65 15.02
C PHE A 104 20.00 12.81 13.56
N ASP A 105 20.60 13.77 12.83
CA ASP A 105 20.07 14.16 11.52
C ASP A 105 20.01 13.05 10.47
N LYS A 106 20.90 12.07 10.54
CA LYS A 106 20.93 11.00 9.55
C LYS A 106 20.00 9.85 9.89
N LEU A 107 19.42 9.89 11.09
CA LEU A 107 18.62 8.78 11.59
C LEU A 107 17.17 8.91 11.12
N THR A 108 16.99 8.88 9.80
CA THR A 108 15.68 9.11 9.19
C THR A 108 14.62 8.05 9.56
N GLU A 109 15.05 6.84 9.91
CA GLU A 109 14.10 5.78 10.23
C GLU A 109 13.79 5.66 11.73
N LEU A 110 14.33 6.55 12.55
CA LEU A 110 14.14 6.43 13.99
C LEU A 110 12.67 6.58 14.38
N THR A 111 12.18 5.66 15.18
CA THR A 111 10.83 5.77 15.76
C THR A 111 10.85 5.84 17.29
N TYR A 112 12.00 5.54 17.89
CA TYR A 112 12.14 5.52 19.35
C TYR A 112 13.43 6.20 19.77
N LEU A 113 13.34 7.23 20.62
CA LEU A 113 14.54 7.93 21.09
C LEU A 113 14.38 8.21 22.58
N ASN A 114 15.29 7.65 23.39
CA ASN A 114 15.24 7.79 24.85
C ASN A 114 16.48 8.50 25.40
N LEU A 115 16.25 9.71 25.95
CA LEU A 115 17.28 10.53 26.57
C LEU A 115 17.02 10.71 28.07
N ASN A 116 16.12 9.91 28.65
CA ASN A 116 15.80 9.99 30.10
C ASN A 116 17.05 9.95 30.98
N THR A 117 17.01 10.68 32.10
CA THR A 117 18.04 10.58 33.14
C THR A 117 19.44 10.86 32.59
N ASN A 118 19.60 12.08 32.09
CA ASN A 118 20.92 12.60 31.77
C ASN A 118 21.11 13.96 32.44
N GLN A 119 22.06 14.76 31.96
CA GLN A 119 22.32 16.06 32.57
C GLN A 119 22.15 17.21 31.55
N LEU A 120 21.18 17.08 30.66
CA LEU A 120 21.00 18.06 29.57
C LEU A 120 20.32 19.33 30.06
N THR A 121 20.88 20.49 29.72
CA THR A 121 20.26 21.74 30.14
C THR A 121 19.61 22.43 28.95
N ALA A 122 20.06 22.06 27.76
CA ALA A 122 19.54 22.59 26.51
C ALA A 122 19.96 21.65 25.42
N LEU A 123 19.16 21.60 24.35
CA LEU A 123 19.47 20.76 23.20
C LEU A 123 19.87 21.64 22.01
N PRO A 124 20.65 21.08 21.06
CA PRO A 124 21.04 21.81 19.83
C PRO A 124 19.83 22.31 19.06
N GLU A 125 20.00 23.36 18.26
CA GLU A 125 18.89 23.88 17.46
C GLU A 125 18.38 22.81 16.50
N GLY A 126 17.08 22.61 16.46
CA GLY A 126 16.45 21.69 15.54
C GLY A 126 16.87 20.23 15.71
N VAL A 127 17.22 19.84 16.93
CA VAL A 127 17.83 18.54 17.14
C VAL A 127 16.91 17.36 16.71
N PHE A 128 15.60 17.54 16.77
CA PHE A 128 14.69 16.46 16.36
C PHE A 128 14.05 16.65 15.00
N ASP A 129 14.39 17.74 14.30
CA ASP A 129 13.65 18.15 13.11
C ASP A 129 13.65 17.10 11.98
N ARG A 130 14.69 16.28 11.90
CA ARG A 130 14.78 15.27 10.84
C ARG A 130 14.07 13.98 11.23
N LEU A 131 13.64 13.89 12.48
CA LEU A 131 13.09 12.64 13.01
C LEU A 131 11.58 12.56 12.77
N VAL A 132 11.20 12.64 11.51
CA VAL A 132 9.80 12.78 11.11
C VAL A 132 8.97 11.55 11.51
N HIS A 133 9.62 10.40 11.60
CA HIS A 133 8.90 9.16 11.90
C HIS A 133 8.78 8.85 13.39
N LEU A 134 9.27 9.75 14.25
CA LEU A 134 9.35 9.45 15.70
C LEU A 134 7.97 9.19 16.31
N LYS A 135 7.86 8.09 17.05
CA LYS A 135 6.63 7.76 17.75
C LYS A 135 6.78 7.89 19.26
N GLU A 136 8.00 7.70 19.77
CA GLU A 136 8.27 7.83 21.21
C GLU A 136 9.50 8.67 21.46
N LEU A 137 9.32 9.71 22.27
CA LEU A 137 10.40 10.65 22.57
C LEU A 137 10.41 10.89 24.06
N LEU A 138 11.44 10.36 24.73
CA LEU A 138 11.50 10.39 26.19
C LEU A 138 12.69 11.24 26.62
N MET A 139 12.47 12.25 27.44
CA MET A 139 13.60 13.04 27.91
C MET A 139 13.37 13.50 29.35
N CYS A 140 12.81 12.60 30.17
CA CYS A 140 12.62 12.88 31.58
C CYS A 140 13.94 13.08 32.30
N CYS A 141 13.86 13.68 33.49
CA CYS A 141 14.95 13.67 34.45
C CYS A 141 16.22 14.28 33.88
N ASN A 142 16.05 15.39 33.19
CA ASN A 142 17.17 16.22 32.80
C ASN A 142 17.04 17.58 33.49
N LYS A 143 17.63 18.61 32.92
CA LYS A 143 17.56 19.95 33.51
C LYS A 143 17.04 20.95 32.48
N LEU A 144 16.10 20.51 31.65
CA LEU A 144 15.54 21.36 30.61
C LEU A 144 14.72 22.50 31.22
N THR A 145 14.87 23.70 30.67
CA THR A 145 14.13 24.82 31.19
C THR A 145 13.08 25.33 30.20
N GLU A 146 13.10 24.79 28.98
CA GLU A 146 12.03 25.08 28.02
C GLU A 146 11.81 23.89 27.09
N LEU A 147 10.61 23.78 26.54
CA LEU A 147 10.29 22.72 25.58
C LEU A 147 11.16 22.87 24.35
N PRO A 148 11.90 21.80 23.99
CA PRO A 148 12.73 21.88 22.79
C PRO A 148 11.89 22.25 21.57
N ARG A 149 12.31 23.31 20.89
CA ARG A 149 11.59 23.78 19.73
C ARG A 149 11.70 22.76 18.59
N GLY A 150 10.56 22.41 18.00
CA GLY A 150 10.52 21.39 16.97
C GLY A 150 9.68 20.20 17.37
N ILE A 151 9.47 20.02 18.67
CA ILE A 151 8.64 18.91 19.14
C ILE A 151 7.21 19.08 18.65
N GLU A 152 6.79 20.34 18.48
CA GLU A 152 5.44 20.63 18.01
C GLU A 152 5.18 20.08 16.62
N ARG A 153 6.24 19.77 15.88
CA ARG A 153 6.08 19.21 14.53
C ARG A 153 6.09 17.68 14.47
N LEU A 154 6.31 17.02 15.61
CA LEU A 154 6.45 15.58 15.59
C LEU A 154 5.09 14.91 15.71
N THR A 155 4.31 14.96 14.64
CA THR A 155 2.89 14.58 14.70
C THR A 155 2.61 13.08 14.88
N HIS A 156 3.62 12.24 14.75
CA HIS A 156 3.38 10.81 14.91
C HIS A 156 3.68 10.31 16.34
N LEU A 157 4.03 11.22 17.25
CA LEU A 157 4.30 10.82 18.64
C LEU A 157 3.08 10.19 19.31
N THR A 158 3.32 9.05 19.94
CA THR A 158 2.34 8.46 20.85
C THR A 158 2.78 8.66 22.30
N HIS A 159 4.09 8.70 22.54
CA HIS A 159 4.64 8.84 23.89
C HIS A 159 5.58 10.02 23.94
N LEU A 160 5.35 10.92 24.89
CA LEU A 160 6.24 12.05 25.12
C LEU A 160 6.50 12.22 26.62
N ALA A 161 7.75 12.03 27.05
CA ALA A 161 8.09 12.14 28.46
C ALA A 161 8.92 13.38 28.72
N LEU A 162 8.37 14.28 29.54
CA LEU A 162 9.04 15.52 29.90
C LEU A 162 9.17 15.65 31.42
N ASP A 163 8.86 14.57 32.15
CA ASP A 163 8.74 14.68 33.60
C ASP A 163 10.08 14.99 34.23
N GLN A 164 10.04 15.61 35.41
CA GLN A 164 11.24 15.82 36.24
C GLN A 164 12.33 16.62 35.52
N ASN A 165 11.90 17.68 34.85
CA ASN A 165 12.84 18.66 34.35
C ASN A 165 12.68 19.96 35.12
N GLN A 166 13.03 21.09 34.51
CA GLN A 166 12.84 22.40 35.15
C GLN A 166 11.92 23.31 34.33
N LEU A 167 10.91 22.69 33.74
CA LEU A 167 9.97 23.41 32.87
C LEU A 167 9.02 24.28 33.70
N LYS A 168 8.75 25.50 33.24
CA LYS A 168 7.84 26.39 33.96
C LYS A 168 6.54 26.63 33.19
N SER A 169 6.57 26.38 31.88
CA SER A 169 5.37 26.45 31.05
C SER A 169 5.60 25.78 29.71
N ILE A 170 4.54 25.75 28.90
CA ILE A 170 4.59 25.21 27.54
C ILE A 170 4.14 26.31 26.58
N PRO A 171 4.91 26.55 25.51
CA PRO A 171 4.52 27.59 24.54
C PRO A 171 3.12 27.35 23.98
N HIS A 172 2.36 28.44 23.79
CA HIS A 172 1.00 28.35 23.26
C HIS A 172 0.91 27.48 22.00
N GLY A 173 0.02 26.49 22.04
CA GLY A 173 -0.23 25.65 20.89
C GLY A 173 0.76 24.52 20.61
N ALA A 174 1.79 24.38 21.44
CA ALA A 174 2.89 23.45 21.11
C ALA A 174 2.45 21.99 21.00
N PHE A 175 1.38 21.62 21.70
CA PHE A 175 0.95 20.23 21.70
C PHE A 175 -0.21 19.98 20.72
N ASP A 176 -0.67 21.04 20.06
CA ASP A 176 -1.94 20.94 19.32
C ASP A 176 -1.91 20.01 18.10
N ARG A 177 -0.76 19.85 17.46
CA ARG A 177 -0.70 18.92 16.34
C ARG A 177 -0.33 17.50 16.79
N LEU A 178 -0.14 17.29 18.09
CA LEU A 178 0.32 15.97 18.54
C LEU A 178 -0.90 15.08 18.83
N SER A 179 -1.72 14.89 17.81
CA SER A 179 -3.05 14.30 18.00
C SER A 179 -3.03 12.80 18.20
N SER A 180 -1.86 12.17 18.08
CA SER A 180 -1.77 10.72 18.33
C SER A 180 -1.25 10.36 19.73
N LEU A 181 -0.98 11.35 20.57
CA LEU A 181 -0.44 11.06 21.89
C LEU A 181 -1.39 10.18 22.72
N THR A 182 -0.82 9.17 23.37
CA THR A 182 -1.56 8.34 24.33
C THR A 182 -0.94 8.46 25.72
N HIS A 183 0.32 8.87 25.77
CA HIS A 183 1.06 8.94 27.04
C HIS A 183 1.87 10.21 27.08
N ALA A 184 1.49 11.15 27.93
CA ALA A 184 2.25 12.37 28.09
C ALA A 184 2.61 12.54 29.56
N TYR A 185 3.92 12.61 29.83
CA TYR A 185 4.41 12.69 31.19
C TYR A 185 4.88 14.10 31.48
N LEU A 186 4.24 14.74 32.44
CA LEU A 186 4.44 16.15 32.75
C LEU A 186 4.78 16.43 34.22
N PHE A 187 4.70 15.41 35.07
CA PHE A 187 4.88 15.62 36.51
C PHE A 187 6.33 15.99 36.85
N GLY A 188 6.56 16.54 38.03
CA GLY A 188 7.90 16.76 38.54
C GLY A 188 8.58 17.98 37.93
N ASN A 189 7.79 18.86 37.33
CA ASN A 189 8.28 20.13 36.82
C ASN A 189 7.74 21.26 37.67
N PRO A 190 8.53 22.32 37.85
CA PRO A 190 8.09 23.48 38.62
C PRO A 190 7.20 24.40 37.79
N TRP A 191 6.01 23.94 37.41
CA TRP A 191 5.13 24.77 36.60
C TRP A 191 4.79 26.09 37.30
N ASP A 192 4.92 27.18 36.56
CA ASP A 192 4.81 28.52 37.13
C ASP A 192 3.37 29.00 36.98
N CYS A 193 2.55 28.73 37.97
CA CYS A 193 1.11 28.95 37.83
C CYS A 193 0.71 30.39 38.15
N GLU A 194 1.68 31.22 38.52
CA GLU A 194 1.39 32.64 38.77
C GLU A 194 1.42 33.40 37.48
N CYS A 195 2.18 32.88 36.52
CA CYS A 195 2.35 33.51 35.23
C CYS A 195 1.24 33.10 34.26
N ARG A 196 0.65 34.08 33.57
CA ARG A 196 -0.50 33.79 32.66
C ARG A 196 -0.12 32.88 31.49
N ASP A 197 1.19 32.71 31.24
CA ASP A 197 1.65 31.80 30.19
C ASP A 197 1.32 30.33 30.51
N ILE A 198 0.99 30.04 31.76
CA ILE A 198 0.58 28.71 32.17
C ILE A 198 -0.78 28.31 31.56
N MET A 199 -1.55 29.27 31.08
CA MET A 199 -2.94 28.94 30.74
C MET A 199 -3.07 27.93 29.58
N TYR A 200 -2.15 27.95 28.61
CA TYR A 200 -2.25 26.97 27.53
C TYR A 200 -2.14 25.54 28.09
N LEU A 201 -1.13 25.30 28.92
CA LEU A 201 -0.95 23.97 29.53
C LEU A 201 -2.14 23.56 30.39
N ARG A 202 -2.63 24.50 31.20
CA ARG A 202 -3.86 24.27 31.97
C ARG A 202 -5.00 23.80 31.08
N ASN A 203 -5.26 24.55 30.01
CA ASN A 203 -6.37 24.22 29.11
C ASN A 203 -6.12 22.89 28.41
N TRP A 204 -4.87 22.66 28.00
CA TRP A 204 -4.53 21.43 27.27
C TRP A 204 -4.67 20.18 28.16
N VAL A 205 -4.15 20.26 29.39
CA VAL A 205 -4.27 19.14 30.34
C VAL A 205 -5.76 18.83 30.61
N ALA A 206 -6.52 19.88 30.88
CA ALA A 206 -7.95 19.74 31.16
C ALA A 206 -8.73 19.17 29.98
N ASP A 207 -8.25 19.42 28.76
CA ASP A 207 -8.84 18.91 27.51
C ASP A 207 -8.34 17.51 27.13
N HIS A 208 -7.26 17.04 27.75
CA HIS A 208 -6.68 15.75 27.41
C HIS A 208 -6.42 14.87 28.63
N THR A 209 -7.40 14.77 29.53
CA THR A 209 -7.14 14.12 30.83
C THR A 209 -6.72 12.65 30.72
N SER A 210 -7.21 11.92 29.72
CA SER A 210 -6.95 10.50 29.65
C SER A 210 -5.53 10.13 29.19
N ILE A 211 -4.77 11.11 28.68
CA ILE A 211 -3.44 10.78 28.19
C ILE A 211 -2.31 11.31 29.09
N VAL A 212 -2.65 12.11 30.11
CA VAL A 212 -1.61 12.60 31.03
C VAL A 212 -1.30 11.54 32.09
N MET A 213 -0.02 11.21 32.25
CA MET A 213 0.40 10.03 33.01
C MET A 213 1.38 10.37 34.11
N ARG A 214 1.26 9.68 35.24
CA ARG A 214 2.34 9.71 36.23
C ARG A 214 3.01 8.34 36.23
N TRP A 215 4.04 8.17 37.03
CA TRP A 215 4.86 6.97 36.98
C TRP A 215 4.99 6.32 38.37
N ASP A 216 4.18 5.29 38.62
CA ASP A 216 4.29 4.49 39.84
C ASP A 216 4.99 3.17 39.54
N GLY A 217 6.20 3.24 38.98
CA GLY A 217 6.89 2.06 38.49
C GLY A 217 6.36 1.65 37.13
N LYS A 218 5.26 2.28 36.73
CA LYS A 218 4.58 2.07 35.45
C LYS A 218 3.65 3.25 35.19
N ALA A 219 3.16 3.36 33.96
CA ALA A 219 2.26 4.44 33.59
C ALA A 219 0.92 4.34 34.34
N VAL A 220 0.50 5.45 34.92
CA VAL A 220 -0.76 5.57 35.64
C VAL A 220 -1.45 6.87 35.23
N ASN A 221 -2.67 6.78 34.71
CA ASN A 221 -3.36 7.98 34.28
C ASN A 221 -3.68 8.88 35.48
N ASP A 222 -3.30 10.15 35.40
CA ASP A 222 -3.51 11.11 36.48
C ASP A 222 -3.32 12.53 35.95
N PRO A 223 -4.41 13.15 35.49
CA PRO A 223 -4.32 14.51 34.97
C PRO A 223 -3.92 15.56 36.02
N ASP A 224 -4.00 15.23 37.31
CA ASP A 224 -3.63 16.18 38.36
C ASP A 224 -2.16 16.08 38.77
N SER A 225 -1.40 15.24 38.09
CA SER A 225 0.00 15.01 38.45
C SER A 225 0.92 16.12 37.93
N ALA A 226 0.45 16.93 36.99
CA ALA A 226 1.16 18.16 36.67
C ALA A 226 0.79 19.17 37.75
N LYS A 227 1.78 19.63 38.51
CA LYS A 227 1.49 20.43 39.70
C LYS A 227 2.22 21.76 39.72
N CYS A 228 1.58 22.75 40.35
CA CYS A 228 2.11 24.10 40.46
C CYS A 228 3.27 24.17 41.43
N ALA A 229 4.34 24.87 41.03
CA ALA A 229 5.49 25.06 41.91
C ALA A 229 5.07 25.77 43.19
N GLY A 230 5.57 25.29 44.33
CA GLY A 230 5.31 25.93 45.60
C GLY A 230 4.02 25.51 46.28
N THR A 231 2.91 25.61 45.56
CA THR A 231 1.61 25.25 46.11
C THR A 231 1.29 23.76 45.94
N ASN A 232 1.82 23.16 44.88
CA ASN A 232 1.55 21.76 44.53
C ASN A 232 0.06 21.49 44.29
N THR A 233 -0.64 22.55 43.86
CA THR A 233 -2.00 22.46 43.34
C THR A 233 -1.93 21.95 41.88
N PRO A 234 -2.97 21.22 41.40
CA PRO A 234 -2.92 20.77 40.01
C PRO A 234 -2.89 21.92 39.01
N VAL A 235 -2.06 21.82 37.98
CA VAL A 235 -2.04 22.83 36.91
C VAL A 235 -3.45 22.98 36.29
N ARG A 236 -4.22 21.90 36.19
CA ARG A 236 -5.50 22.05 35.49
C ARG A 236 -6.55 22.78 36.35
N ALA A 237 -6.26 22.95 37.64
CA ALA A 237 -7.14 23.67 38.55
C ALA A 237 -6.82 25.17 38.62
N VAL A 238 -5.83 25.60 37.85
CA VAL A 238 -5.49 27.01 37.81
C VAL A 238 -6.62 27.83 37.16
N THR A 239 -6.94 28.98 37.75
CA THR A 239 -7.94 29.88 37.15
C THR A 239 -7.23 31.07 36.53
N GLU A 240 -7.79 31.62 35.46
CA GLU A 240 -7.11 32.75 34.81
C GLU A 240 -6.91 33.90 35.78
N ALA A 241 -7.93 34.15 36.61
CA ALA A 241 -7.88 35.27 37.54
C ALA A 241 -6.80 35.11 38.62
N SER A 242 -6.29 33.89 38.81
CA SER A 242 -5.18 33.66 39.74
C SER A 242 -3.83 33.95 39.07
N THR A 243 -3.83 34.21 37.77
CA THR A 243 -2.60 34.46 37.03
C THR A 243 -2.50 35.93 36.63
N SER A 244 -1.27 36.34 36.34
CA SER A 244 -1.00 37.69 35.85
C SER A 244 0.10 37.65 34.81
N PRO A 245 -0.06 38.41 33.73
CA PRO A 245 0.98 38.49 32.70
C PRO A 245 2.19 39.27 33.18
N SER A 246 2.05 39.97 34.31
CA SER A 246 3.14 40.75 34.89
C SER A 246 3.92 39.95 35.93
N LYS A 247 3.67 38.65 36.00
CA LYS A 247 4.44 37.78 36.87
C LYS A 247 5.13 36.70 36.06
N CYS A 248 5.68 37.09 34.91
CA CYS A 248 6.37 36.16 34.03
C CYS A 248 7.85 36.54 33.87
N CYS B 9 -17.40 -1.28 21.78
CA CYS B 9 -16.88 -2.47 21.11
C CYS B 9 -17.97 -3.23 20.37
N PRO B 10 -17.73 -3.56 19.09
CA PRO B 10 -18.70 -4.30 18.28
C PRO B 10 -19.09 -5.60 18.97
N SER B 11 -20.34 -6.00 18.76
CA SER B 11 -20.90 -7.14 19.46
C SER B 11 -20.16 -8.45 19.20
N GLN B 12 -19.77 -8.68 17.96
CA GLN B 12 -19.21 -9.98 17.63
C GLN B 12 -17.70 -10.00 17.84
N CYS B 13 -17.14 -8.88 18.26
CA CYS B 13 -15.69 -8.79 18.47
C CYS B 13 -15.33 -8.66 19.95
N SER B 14 -14.05 -8.86 20.25
CA SER B 14 -13.51 -8.62 21.59
C SER B 14 -12.47 -7.49 21.57
N CYS B 15 -12.54 -6.61 22.56
CA CYS B 15 -11.60 -5.50 22.68
C CYS B 15 -10.88 -5.61 24.02
N ARG B 16 -9.56 -5.47 24.04
CA ARG B 16 -8.89 -5.57 25.33
C ARG B 16 -8.37 -4.20 25.79
N GLY B 17 -7.67 -3.49 24.91
CA GLY B 17 -7.29 -2.13 25.21
C GLY B 17 -7.55 -1.37 23.94
N THR B 18 -6.47 -1.09 23.20
CA THR B 18 -6.62 -0.51 21.88
C THR B 18 -6.59 -1.63 20.83
N TYR B 19 -6.61 -2.86 21.30
CA TYR B 19 -6.66 -4.03 20.43
C TYR B 19 -8.10 -4.47 20.20
N VAL B 20 -8.53 -4.41 18.95
CA VAL B 20 -9.86 -4.89 18.58
C VAL B 20 -9.76 -6.17 17.76
N ASP B 21 -10.16 -7.27 18.40
CA ASP B 21 -10.07 -8.59 17.80
C ASP B 21 -11.39 -9.03 17.17
N CYS B 22 -11.41 -9.03 15.83
CA CYS B 22 -12.56 -9.49 15.06
C CYS B 22 -12.22 -10.70 14.21
N ASP B 23 -11.15 -11.41 14.57
CA ASP B 23 -10.68 -12.54 13.75
C ASP B 23 -11.53 -13.80 13.89
N SER B 24 -11.66 -14.53 12.77
CA SER B 24 -12.31 -15.84 12.76
C SER B 24 -13.72 -15.81 13.34
N ARG B 25 -14.51 -14.85 12.92
CA ARG B 25 -15.85 -14.68 13.50
C ARG B 25 -16.94 -14.66 12.44
N ARG B 26 -16.68 -15.32 11.31
CA ARG B 26 -17.64 -15.48 10.22
C ARG B 26 -18.29 -14.16 9.78
N LEU B 27 -17.49 -13.11 9.69
CA LEU B 27 -17.99 -11.79 9.32
C LEU B 27 -18.09 -11.60 7.79
N ALA B 28 -19.19 -11.01 7.35
CA ALA B 28 -19.43 -10.81 5.94
C ALA B 28 -19.03 -9.41 5.52
N SER B 29 -18.86 -8.54 6.52
CA SER B 29 -18.47 -7.15 6.30
C SER B 29 -17.81 -6.64 7.56
N VAL B 30 -17.14 -5.50 7.47
CA VAL B 30 -16.55 -4.88 8.66
C VAL B 30 -17.65 -4.43 9.60
N PRO B 31 -17.65 -4.92 10.86
CA PRO B 31 -18.70 -4.58 11.83
C PRO B 31 -18.76 -3.09 12.19
N ALA B 32 -19.95 -2.64 12.59
CA ALA B 32 -20.30 -1.23 12.65
C ALA B 32 -19.63 -0.41 13.77
N GLY B 33 -19.49 -0.97 14.97
CA GLY B 33 -19.12 -0.13 16.11
C GLY B 33 -17.70 -0.15 16.63
N ILE B 34 -16.72 0.00 15.75
CA ILE B 34 -15.31 -0.10 16.16
C ILE B 34 -14.84 1.20 16.82
N PRO B 35 -14.31 1.09 18.05
CA PRO B 35 -13.89 2.27 18.81
C PRO B 35 -12.81 3.09 18.11
N THR B 36 -12.92 4.40 18.21
CA THR B 36 -11.99 5.33 17.59
C THR B 36 -10.59 5.20 18.17
N ASN B 37 -10.46 4.62 19.35
CA ASN B 37 -9.14 4.50 19.97
C ASN B 37 -8.33 3.33 19.45
N VAL B 38 -8.88 2.58 18.50
CA VAL B 38 -8.23 1.34 18.04
C VAL B 38 -6.83 1.57 17.45
N GLN B 39 -5.87 0.79 17.92
CA GLN B 39 -4.51 0.85 17.38
C GLN B 39 -4.19 -0.38 16.55
N ILE B 40 -4.74 -1.52 16.96
CA ILE B 40 -4.61 -2.76 16.21
C ILE B 40 -6.00 -3.32 15.91
N LEU B 41 -6.33 -3.40 14.62
CA LEU B 41 -7.62 -3.97 14.21
C LEU B 41 -7.37 -5.26 13.46
N ASN B 42 -7.84 -6.36 14.04
CA ASN B 42 -7.62 -7.69 13.48
C ASN B 42 -8.90 -8.27 12.87
N LEU B 43 -8.95 -8.30 11.54
CA LEU B 43 -10.11 -8.81 10.84
C LEU B 43 -9.76 -10.10 10.10
N TYR B 44 -8.63 -10.68 10.49
CA TYR B 44 -8.14 -11.91 9.87
C TYR B 44 -9.15 -13.06 9.86
N ASN B 45 -9.17 -13.79 8.74
CA ASN B 45 -9.96 -15.02 8.62
C ASN B 45 -11.48 -14.80 8.77
N ASN B 46 -12.03 -14.02 7.87
CA ASN B 46 -13.49 -13.88 7.77
C ASN B 46 -13.96 -14.06 6.33
N GLN B 47 -15.16 -13.61 6.00
CA GLN B 47 -15.64 -13.77 4.62
C GLN B 47 -16.00 -12.42 4.04
N ILE B 48 -15.16 -11.42 4.26
CA ILE B 48 -15.43 -10.09 3.74
C ILE B 48 -15.10 -10.02 2.25
N THR B 49 -16.08 -9.64 1.43
CA THR B 49 -15.85 -9.62 -0.02
C THR B 49 -15.69 -8.20 -0.55
N ASN B 50 -16.32 -7.22 0.11
CA ASN B 50 -16.24 -5.80 -0.26
C ASN B 50 -15.92 -4.97 0.98
N LEU B 51 -15.16 -3.90 0.82
CA LEU B 51 -15.05 -2.90 1.86
C LEU B 51 -15.95 -1.74 1.49
N GLU B 52 -16.62 -1.15 2.47
CA GLU B 52 -17.36 0.10 2.26
C GLU B 52 -16.36 1.24 2.05
N PRO B 53 -16.60 2.12 1.07
CA PRO B 53 -15.68 3.19 0.63
C PRO B 53 -14.97 4.02 1.72
N GLY B 54 -15.58 4.29 2.86
CA GLY B 54 -14.89 5.08 3.87
C GLY B 54 -14.82 4.41 5.22
N VAL B 55 -14.81 3.09 5.20
CA VAL B 55 -14.98 2.29 6.41
C VAL B 55 -13.91 2.53 7.47
N PHE B 56 -12.70 2.94 7.07
CA PHE B 56 -11.62 3.13 8.05
C PHE B 56 -11.36 4.60 8.40
N ASP B 57 -12.13 5.50 7.82
CA ASP B 57 -11.82 6.93 7.85
C ASP B 57 -11.75 7.54 9.27
N ARG B 58 -12.52 7.01 10.21
CA ARG B 58 -12.47 7.57 11.56
C ARG B 58 -11.44 6.85 12.43
N LEU B 59 -10.83 5.80 11.90
CA LEU B 59 -9.89 5.01 12.71
C LEU B 59 -8.47 5.55 12.54
N VAL B 60 -8.33 6.84 12.76
CA VAL B 60 -7.10 7.62 12.56
C VAL B 60 -5.93 7.20 13.45
N ASN B 61 -6.18 6.39 14.48
CA ASN B 61 -5.08 5.97 15.35
C ASN B 61 -4.53 4.59 15.03
N LEU B 62 -5.06 3.94 13.99
CA LEU B 62 -4.59 2.61 13.60
C LEU B 62 -3.09 2.55 13.36
N GLN B 63 -2.46 1.56 13.98
CA GLN B 63 -1.05 1.29 13.74
C GLN B 63 -0.88 0.03 12.90
N LYS B 64 -1.70 -0.99 13.17
CA LYS B 64 -1.66 -2.27 12.47
C LYS B 64 -3.05 -2.65 12.01
N LEU B 65 -3.18 -3.05 10.75
CA LEU B 65 -4.46 -3.44 10.19
C LEU B 65 -4.32 -4.80 9.51
N TYR B 66 -5.02 -5.82 10.05
CA TYR B 66 -5.00 -7.16 9.47
C TYR B 66 -6.29 -7.47 8.70
N LEU B 67 -6.21 -7.49 7.37
CA LEU B 67 -7.35 -7.90 6.55
C LEU B 67 -7.09 -9.25 5.87
N SER B 68 -6.05 -9.95 6.33
CA SER B 68 -5.67 -11.23 5.75
C SER B 68 -6.77 -12.28 5.85
N GLY B 69 -6.79 -13.21 4.91
CA GLY B 69 -7.70 -14.33 4.96
C GLY B 69 -9.13 -13.90 4.78
N ASN B 70 -9.39 -13.11 3.74
CA ASN B 70 -10.77 -12.77 3.40
C ASN B 70 -11.02 -13.05 1.92
N GLN B 71 -12.05 -12.46 1.34
CA GLN B 71 -12.38 -12.71 -0.06
C GLN B 71 -12.44 -11.44 -0.90
N LEU B 72 -11.60 -10.46 -0.57
CA LEU B 72 -11.59 -9.20 -1.31
C LEU B 72 -11.10 -9.36 -2.74
N GLN B 73 -11.81 -8.81 -3.73
CA GLN B 73 -11.29 -8.80 -5.09
C GLN B 73 -10.75 -7.43 -5.44
N ALA B 74 -11.18 -6.41 -4.70
CA ALA B 74 -10.73 -5.05 -4.97
C ALA B 74 -10.71 -4.24 -3.68
N LEU B 75 -10.12 -3.06 -3.74
CA LEU B 75 -10.21 -2.11 -2.65
C LEU B 75 -10.86 -0.82 -3.14
N PRO B 76 -11.62 -0.15 -2.28
CA PRO B 76 -12.14 1.18 -2.62
C PRO B 76 -11.01 2.20 -2.83
N VAL B 77 -11.18 3.08 -3.82
CA VAL B 77 -10.29 4.21 -4.01
C VAL B 77 -10.28 5.02 -2.69
N GLY B 78 -9.08 5.34 -2.21
CA GLY B 78 -8.94 6.12 -0.99
C GLY B 78 -9.15 5.44 0.34
N VAL B 79 -9.37 4.13 0.34
CA VAL B 79 -9.79 3.45 1.56
C VAL B 79 -8.78 3.58 2.72
N PHE B 80 -7.49 3.79 2.42
CA PHE B 80 -6.49 3.90 3.48
C PHE B 80 -6.03 5.35 3.72
N ASP B 81 -6.66 6.33 3.07
CA ASP B 81 -6.08 7.67 3.02
C ASP B 81 -6.01 8.43 4.36
N LYS B 82 -6.80 8.02 5.35
CA LYS B 82 -6.79 8.68 6.66
C LYS B 82 -5.87 8.02 7.69
N LEU B 83 -5.25 6.90 7.31
CA LEU B 83 -4.52 6.06 8.27
C LEU B 83 -3.06 6.51 8.37
N SER B 84 -2.87 7.76 8.80
CA SER B 84 -1.56 8.41 8.78
C SER B 84 -0.60 7.92 9.86
N GLN B 85 -1.05 7.00 10.72
CA GLN B 85 -0.16 6.39 11.73
C GLN B 85 0.12 4.91 11.43
N LEU B 86 -0.46 4.40 10.34
CA LEU B 86 -0.38 2.98 10.05
C LEU B 86 1.06 2.53 9.75
N THR B 87 1.52 1.48 10.43
CA THR B 87 2.85 0.93 10.17
C THR B 87 2.82 -0.45 9.52
N PHE B 88 1.70 -1.16 9.70
CA PHE B 88 1.62 -2.58 9.34
C PHE B 88 0.31 -2.81 8.60
N LEU B 89 0.38 -3.36 7.39
CA LEU B 89 -0.82 -3.63 6.61
C LEU B 89 -0.74 -5.02 5.99
N SER B 90 -1.64 -5.91 6.39
CA SER B 90 -1.64 -7.22 5.77
C SER B 90 -2.92 -7.48 4.97
N LEU B 91 -2.72 -7.78 3.69
CA LEU B 91 -3.81 -8.04 2.75
C LEU B 91 -3.68 -9.44 2.17
N ASP B 92 -2.85 -10.29 2.78
CA ASP B 92 -2.54 -11.61 2.23
C ASP B 92 -3.75 -12.57 2.29
N GLU B 93 -3.75 -13.58 1.42
CA GLU B 93 -4.84 -14.55 1.30
C GLU B 93 -6.18 -13.84 1.11
N ASN B 94 -6.22 -13.01 0.08
CA ASN B 94 -7.49 -12.50 -0.42
C ASN B 94 -7.62 -12.92 -1.89
N LYS B 95 -8.41 -12.20 -2.68
CA LYS B 95 -8.57 -12.56 -4.09
C LYS B 95 -8.35 -11.35 -4.99
N LEU B 96 -7.45 -10.46 -4.57
CA LEU B 96 -7.29 -9.16 -5.22
C LEU B 96 -6.79 -9.28 -6.65
N THR B 97 -7.49 -8.64 -7.59
CA THR B 97 -7.10 -8.71 -8.99
C THR B 97 -6.47 -7.40 -9.47
N ALA B 98 -6.57 -6.35 -8.67
CA ALA B 98 -5.94 -5.06 -8.96
C ALA B 98 -5.90 -4.21 -7.70
N LEU B 99 -5.00 -3.23 -7.64
CA LEU B 99 -5.00 -2.24 -6.57
C LEU B 99 -5.42 -0.89 -7.15
N PRO B 100 -6.09 -0.06 -6.35
CA PRO B 100 -6.38 1.30 -6.84
C PRO B 100 -5.08 2.09 -7.06
N ASN B 101 -5.07 2.99 -8.03
CA ASN B 101 -3.94 3.90 -8.22
C ASN B 101 -3.67 4.66 -6.93
N GLY B 102 -2.41 4.73 -6.50
CA GLY B 102 -2.06 5.51 -5.32
C GLY B 102 -2.65 5.03 -3.98
N VAL B 103 -3.05 3.76 -3.91
CA VAL B 103 -3.76 3.25 -2.74
C VAL B 103 -2.94 3.36 -1.43
N PHE B 104 -1.63 3.34 -1.52
CA PHE B 104 -0.78 3.43 -0.32
C PHE B 104 -0.12 4.79 -0.12
N ASP B 105 -0.47 5.77 -0.96
CA ASP B 105 0.30 7.01 -1.00
C ASP B 105 0.33 7.79 0.31
N LYS B 106 -0.74 7.67 1.10
CA LYS B 106 -0.85 8.42 2.33
C LYS B 106 -0.25 7.69 3.53
N LEU B 107 0.21 6.46 3.31
CA LEU B 107 0.73 5.63 4.38
C LEU B 107 2.21 5.90 4.61
N THR B 108 2.53 7.13 5.02
CA THR B 108 3.92 7.55 5.18
C THR B 108 4.67 6.75 6.25
N GLU B 109 3.95 6.14 7.19
CA GLU B 109 4.60 5.42 8.29
C GLU B 109 4.70 3.91 8.06
N LEU B 110 4.28 3.46 6.89
CA LEU B 110 4.20 2.04 6.62
C LEU B 110 5.59 1.42 6.54
N THR B 111 5.83 0.39 7.33
CA THR B 111 7.07 -0.39 7.24
C THR B 111 6.87 -1.82 6.77
N TYR B 112 5.63 -2.33 6.85
CA TYR B 112 5.31 -3.72 6.54
C TYR B 112 4.12 -3.79 5.59
N LEU B 113 4.27 -4.47 4.46
CA LEU B 113 3.19 -4.58 3.48
C LEU B 113 3.16 -5.98 2.95
N ASN B 114 2.07 -6.68 3.20
CA ASN B 114 1.94 -8.06 2.79
C ASN B 114 0.79 -8.26 1.79
N LEU B 115 1.16 -8.66 0.57
CA LEU B 115 0.23 -8.91 -0.51
C LEU B 115 0.25 -10.38 -0.95
N ASN B 116 0.87 -11.24 -0.15
CA ASN B 116 0.97 -12.67 -0.48
C ASN B 116 -0.38 -13.29 -0.79
N THR B 117 -0.41 -14.22 -1.75
CA THR B 117 -1.57 -15.04 -2.01
C THR B 117 -2.77 -14.18 -2.37
N ASN B 118 -2.63 -13.52 -3.50
CA ASN B 118 -3.74 -12.84 -4.14
C ASN B 118 -3.75 -13.19 -5.64
N GLN B 119 -4.44 -12.39 -6.46
CA GLN B 119 -4.52 -12.69 -7.89
C GLN B 119 -4.04 -11.52 -8.74
N LEU B 120 -3.00 -10.86 -8.27
CA LEU B 120 -2.47 -9.67 -8.96
C LEU B 120 -1.63 -10.07 -10.18
N THR B 121 -1.86 -9.37 -11.30
CA THR B 121 -1.11 -9.61 -12.53
C THR B 121 -0.15 -8.48 -12.78
N ALA B 122 -0.49 -7.32 -12.23
CA ALA B 122 0.35 -6.14 -12.32
C ALA B 122 -0.04 -5.20 -11.19
N LEU B 123 0.82 -4.24 -10.89
CA LEU B 123 0.53 -3.22 -9.87
C LEU B 123 0.51 -1.85 -10.54
N PRO B 124 -0.16 -0.86 -9.92
CA PRO B 124 -0.15 0.49 -10.46
C PRO B 124 1.27 1.02 -10.64
N GLU B 125 1.52 1.72 -11.73
CA GLU B 125 2.77 2.42 -11.88
C GLU B 125 2.88 3.40 -10.70
N GLY B 126 4.03 3.41 -10.05
CA GLY B 126 4.27 4.33 -8.96
C GLY B 126 3.69 3.91 -7.61
N VAL B 127 3.12 2.71 -7.54
CA VAL B 127 2.41 2.30 -6.34
C VAL B 127 3.32 2.34 -5.09
N PHE B 128 4.62 2.16 -5.29
CA PHE B 128 5.58 2.18 -4.17
C PHE B 128 6.35 3.50 -4.05
N ASP B 129 6.00 4.49 -4.87
CA ASP B 129 6.81 5.70 -4.94
C ASP B 129 6.91 6.46 -3.61
N ARG B 130 5.83 6.46 -2.84
CA ARG B 130 5.82 7.15 -1.57
C ARG B 130 6.16 6.22 -0.39
N LEU B 131 6.58 5.01 -0.69
CA LEU B 131 6.76 4.00 0.35
C LEU B 131 8.23 3.65 0.65
N VAL B 132 9.15 4.60 0.49
CA VAL B 132 10.57 4.30 0.71
C VAL B 132 10.86 3.94 2.19
N HIS B 133 9.92 4.24 3.09
CA HIS B 133 10.03 3.86 4.49
C HIS B 133 9.86 2.33 4.75
N LEU B 134 9.48 1.58 3.72
CA LEU B 134 9.14 0.16 3.84
C LEU B 134 10.33 -0.73 4.27
N LYS B 135 10.12 -1.68 5.16
CA LYS B 135 11.17 -2.63 5.53
C LYS B 135 10.88 -4.04 5.03
N GLU B 136 9.61 -4.39 4.92
CA GLU B 136 9.22 -5.72 4.47
C GLU B 136 8.15 -5.59 3.41
N LEU B 137 8.40 -6.20 2.24
CA LEU B 137 7.44 -6.20 1.15
C LEU B 137 7.25 -7.63 0.63
N LEU B 138 6.05 -8.15 0.79
CA LEU B 138 5.78 -9.56 0.51
C LEU B 138 4.70 -9.65 -0.54
N MET B 139 5.00 -10.26 -1.68
CA MET B 139 4.05 -10.44 -2.78
C MET B 139 4.16 -11.81 -3.43
N CYS B 140 4.37 -12.87 -2.63
CA CYS B 140 4.41 -14.21 -3.16
C CYS B 140 3.03 -14.60 -3.69
N CYS B 141 3.00 -15.65 -4.51
CA CYS B 141 1.78 -16.40 -4.81
C CYS B 141 0.73 -15.50 -5.46
N ASN B 142 1.18 -14.70 -6.41
CA ASN B 142 0.31 -13.88 -7.24
C ASN B 142 0.55 -14.30 -8.70
N LYS B 143 0.25 -13.44 -9.66
CA LYS B 143 0.42 -13.77 -11.07
C LYS B 143 1.29 -12.74 -11.78
N LEU B 144 2.22 -12.16 -11.03
CA LEU B 144 3.11 -11.14 -11.57
C LEU B 144 4.03 -11.73 -12.65
N THR B 145 4.29 -10.96 -13.70
CA THR B 145 5.14 -11.42 -14.78
C THR B 145 6.35 -10.50 -14.97
N GLU B 146 6.37 -9.38 -14.27
CA GLU B 146 7.52 -8.50 -14.25
C GLU B 146 7.74 -7.98 -12.84
N LEU B 147 8.97 -7.69 -12.47
CA LEU B 147 9.23 -7.01 -11.21
C LEU B 147 8.55 -5.64 -11.21
N PRO B 148 7.69 -5.37 -10.22
CA PRO B 148 7.04 -4.05 -10.24
C PRO B 148 8.07 -2.93 -10.15
N ARG B 149 7.89 -1.93 -11.01
CA ARG B 149 8.76 -0.78 -11.00
C ARG B 149 8.57 -0.08 -9.67
N GLY B 150 9.64 0.49 -9.14
CA GLY B 150 9.57 1.17 -7.87
C GLY B 150 10.30 0.41 -6.77
N ILE B 151 10.35 -0.91 -6.88
CA ILE B 151 10.97 -1.73 -5.83
C ILE B 151 12.48 -1.43 -5.71
N GLU B 152 13.11 -1.02 -6.81
CA GLU B 152 14.56 -0.77 -6.75
C GLU B 152 14.93 0.43 -5.89
N ARG B 153 13.94 1.27 -5.56
CA ARG B 153 14.19 2.45 -4.74
C ARG B 153 13.91 2.20 -3.26
N LEU B 154 13.47 1.00 -2.91
CA LEU B 154 13.07 0.70 -1.54
C LEU B 154 14.28 0.26 -0.72
N THR B 155 15.16 1.21 -0.40
CA THR B 155 16.49 0.88 0.11
C THR B 155 16.50 0.42 1.57
N HIS B 156 15.37 0.51 2.28
CA HIS B 156 15.34 0.07 3.67
C HIS B 156 14.82 -1.36 3.81
N LEU B 157 14.54 -2.03 2.69
CA LEU B 157 13.99 -3.38 2.74
C LEU B 157 14.97 -4.35 3.39
N THR B 158 14.47 -5.16 4.32
CA THR B 158 15.19 -6.32 4.84
C THR B 158 14.57 -7.61 4.28
N HIS B 159 13.28 -7.58 3.99
CA HIS B 159 12.58 -8.76 3.51
C HIS B 159 11.86 -8.44 2.22
N LEU B 160 12.10 -9.26 1.20
CA LEU B 160 11.40 -9.16 -0.09
C LEU B 160 10.95 -10.55 -0.55
N ALA B 161 9.65 -10.74 -0.71
CA ALA B 161 9.12 -12.03 -1.16
C ALA B 161 8.49 -11.90 -2.53
N LEU B 162 9.05 -12.64 -3.49
CA LEU B 162 8.57 -12.67 -4.87
C LEU B 162 8.29 -14.09 -5.33
N ASP B 163 8.29 -15.04 -4.39
CA ASP B 163 8.23 -16.43 -4.78
C ASP B 163 6.87 -16.82 -5.35
N GLN B 164 6.87 -17.85 -6.19
CA GLN B 164 5.65 -18.44 -6.73
C GLN B 164 4.83 -17.43 -7.52
N ASN B 165 5.50 -16.59 -8.30
CA ASN B 165 4.83 -15.81 -9.33
C ASN B 165 5.12 -16.37 -10.72
N GLN B 166 5.09 -15.51 -11.74
CA GLN B 166 5.44 -15.93 -13.09
C GLN B 166 6.56 -15.04 -13.67
N LEU B 167 7.50 -14.67 -12.80
CA LEU B 167 8.64 -13.86 -13.22
C LEU B 167 9.61 -14.65 -14.09
N LYS B 168 10.12 -13.99 -15.12
CA LYS B 168 11.07 -14.63 -16.03
C LYS B 168 12.47 -14.05 -15.91
N SER B 169 12.59 -12.82 -15.43
CA SER B 169 13.91 -12.24 -15.12
C SER B 169 13.79 -11.06 -14.18
N ILE B 170 14.93 -10.52 -13.77
CA ILE B 170 14.97 -9.34 -12.94
C ILE B 170 15.77 -8.29 -13.71
N PRO B 171 15.19 -7.10 -13.90
CA PRO B 171 15.88 -6.02 -14.63
C PRO B 171 17.24 -5.69 -14.03
N HIS B 172 18.19 -5.37 -14.89
CA HIS B 172 19.56 -5.12 -14.46
C HIS B 172 19.68 -4.07 -13.35
N GLY B 173 20.39 -4.43 -12.28
CA GLY B 173 20.61 -3.53 -11.16
C GLY B 173 19.45 -3.38 -10.17
N ALA B 174 18.37 -4.11 -10.38
CA ALA B 174 17.13 -3.88 -9.62
C ALA B 174 17.30 -4.05 -8.10
N PHE B 175 18.17 -4.98 -7.71
CA PHE B 175 18.38 -5.29 -6.30
C PHE B 175 19.60 -4.59 -5.71
N ASP B 176 20.32 -3.83 -6.53
CA ASP B 176 21.65 -3.36 -6.15
C ASP B 176 21.68 -2.30 -5.03
N ARG B 177 20.62 -1.51 -4.91
CA ARG B 177 20.52 -0.53 -3.82
C ARG B 177 19.80 -1.11 -2.59
N LEU B 178 19.32 -2.33 -2.70
CA LEU B 178 18.65 -2.99 -1.57
C LEU B 178 19.69 -3.60 -0.63
N SER B 179 20.55 -2.74 -0.11
CA SER B 179 21.73 -3.17 0.63
C SER B 179 21.43 -3.75 2.00
N SER B 180 20.20 -3.64 2.49
CA SER B 180 19.91 -4.15 3.83
C SER B 180 19.16 -5.47 3.78
N LEU B 181 18.97 -6.04 2.59
CA LEU B 181 18.24 -7.29 2.47
C LEU B 181 18.89 -8.42 3.27
N THR B 182 18.07 -9.12 4.03
CA THR B 182 18.52 -10.32 4.72
C THR B 182 17.76 -11.56 4.25
N HIS B 183 16.59 -11.33 3.66
CA HIS B 183 15.72 -12.42 3.21
C HIS B 183 15.11 -12.05 1.86
N ALA B 184 15.47 -12.81 0.84
CA ALA B 184 14.96 -12.60 -0.51
C ALA B 184 14.39 -13.91 -1.05
N TYR B 185 13.09 -13.98 -1.25
CA TYR B 185 12.45 -15.21 -1.71
C TYR B 185 12.20 -15.17 -3.22
N LEU B 186 12.84 -16.08 -3.94
CA LEU B 186 12.81 -16.04 -5.40
C LEU B 186 12.28 -17.32 -6.03
N PHE B 187 12.07 -18.36 -5.22
CA PHE B 187 11.75 -19.68 -5.75
C PHE B 187 10.37 -19.76 -6.40
N GLY B 188 10.14 -20.81 -7.17
CA GLY B 188 8.82 -21.05 -7.73
C GLY B 188 8.47 -20.13 -8.89
N ASN B 189 9.46 -19.46 -9.46
CA ASN B 189 9.27 -18.64 -10.65
C ASN B 189 9.88 -19.31 -11.88
N PRO B 190 9.25 -19.10 -13.04
CA PRO B 190 9.84 -19.74 -14.23
C PRO B 190 10.97 -18.91 -14.84
N TRP B 191 12.13 -18.86 -14.18
CA TRP B 191 13.21 -18.00 -14.69
C TRP B 191 13.69 -18.46 -16.08
N ASP B 192 13.77 -17.53 -17.02
CA ASP B 192 14.19 -17.84 -18.38
C ASP B 192 15.70 -17.74 -18.49
N CYS B 193 16.38 -18.87 -18.36
CA CYS B 193 17.83 -18.86 -18.35
C CYS B 193 18.45 -18.95 -19.75
N GLU B 194 17.63 -18.99 -20.78
CA GLU B 194 18.15 -18.98 -22.15
C GLU B 194 18.40 -17.54 -22.61
N CYS B 195 17.60 -16.62 -22.06
CA CYS B 195 17.73 -15.20 -22.34
C CYS B 195 18.90 -14.55 -21.61
N ARG B 196 19.68 -13.73 -22.32
CA ARG B 196 20.84 -13.10 -21.72
C ARG B 196 20.48 -12.18 -20.56
N ASP B 197 19.23 -11.70 -20.52
CA ASP B 197 18.80 -10.84 -19.42
C ASP B 197 18.89 -11.52 -18.04
N ILE B 198 18.83 -12.85 -18.00
CA ILE B 198 18.94 -13.59 -16.75
C ILE B 198 20.29 -13.40 -16.05
N MET B 199 21.30 -12.94 -16.78
CA MET B 199 22.64 -12.87 -16.19
C MET B 199 22.72 -11.90 -15.02
N TYR B 200 21.84 -10.89 -14.97
CA TYR B 200 21.84 -10.03 -13.77
C TYR B 200 21.45 -10.87 -12.55
N LEU B 201 20.35 -11.59 -12.64
CA LEU B 201 19.91 -12.38 -11.48
C LEU B 201 20.97 -13.43 -11.13
N ARG B 202 21.56 -14.04 -12.17
CA ARG B 202 22.64 -15.00 -11.97
C ARG B 202 23.78 -14.43 -11.14
N ASN B 203 24.32 -13.30 -11.56
CA ASN B 203 25.42 -12.68 -10.84
C ASN B 203 25.00 -12.20 -9.44
N TRP B 204 23.76 -11.73 -9.33
CA TRP B 204 23.29 -11.23 -8.04
C TRP B 204 23.18 -12.36 -7.01
N VAL B 205 22.53 -13.45 -7.38
CA VAL B 205 22.42 -14.60 -6.48
C VAL B 205 23.81 -15.16 -6.16
N ALA B 206 24.69 -15.22 -7.15
CA ALA B 206 26.05 -15.69 -6.91
C ALA B 206 26.77 -14.83 -5.87
N ASP B 207 26.51 -13.52 -5.89
CA ASP B 207 27.13 -12.57 -4.97
C ASP B 207 26.41 -12.40 -3.64
N HIS B 208 25.21 -12.97 -3.53
CA HIS B 208 24.40 -12.81 -2.32
C HIS B 208 23.76 -14.13 -1.89
N THR B 209 24.54 -15.21 -1.90
CA THR B 209 23.99 -16.54 -1.66
C THR B 209 23.38 -16.68 -0.27
N SER B 210 23.91 -15.96 0.71
CA SER B 210 23.46 -16.14 2.07
C SER B 210 22.08 -15.51 2.37
N ILE B 211 21.56 -14.69 1.46
CA ILE B 211 20.25 -14.09 1.73
C ILE B 211 19.13 -14.61 0.86
N VAL B 212 19.45 -15.54 -0.04
CA VAL B 212 18.40 -16.15 -0.86
C VAL B 212 17.73 -17.28 -0.08
N MET B 213 16.42 -17.16 0.07
CA MET B 213 15.67 -18.06 0.95
C MET B 213 14.58 -18.83 0.24
N ARG B 214 14.36 -20.07 0.67
CA ARG B 214 13.13 -20.75 0.33
C ARG B 214 12.29 -20.87 1.62
N TRP B 215 11.06 -21.33 1.50
CA TRP B 215 10.19 -21.40 2.66
C TRP B 215 9.78 -22.84 2.98
N ASP B 216 10.32 -23.40 4.07
CA ASP B 216 9.91 -24.74 4.48
C ASP B 216 9.13 -24.64 5.79
N GLY B 217 8.11 -23.78 5.84
CA GLY B 217 7.47 -23.47 7.11
C GLY B 217 8.37 -22.62 7.99
N LYS B 218 9.41 -22.07 7.36
CA LYS B 218 10.43 -21.23 8.01
C LYS B 218 11.41 -20.82 6.94
N ALA B 219 12.17 -19.76 7.19
CA ALA B 219 13.22 -19.35 6.24
C ALA B 219 14.34 -20.39 6.15
N VAL B 220 14.63 -20.83 4.94
CA VAL B 220 15.72 -21.78 4.69
C VAL B 220 16.65 -21.19 3.62
N ASN B 221 17.92 -21.01 3.96
CA ASN B 221 18.89 -20.44 3.02
C ASN B 221 19.34 -21.46 1.96
N ASP B 222 18.72 -21.38 0.78
CA ASP B 222 18.98 -22.29 -0.32
C ASP B 222 19.20 -21.47 -1.58
N PRO B 223 20.46 -21.20 -1.92
CA PRO B 223 20.69 -20.28 -3.05
C PRO B 223 20.40 -20.96 -4.39
N ASP B 224 20.16 -22.26 -4.39
CA ASP B 224 19.80 -22.98 -5.60
C ASP B 224 18.27 -23.10 -5.77
N SER B 225 17.50 -22.47 -4.88
CA SER B 225 16.03 -22.54 -4.98
C SER B 225 15.47 -21.67 -6.11
N ALA B 226 16.25 -20.71 -6.60
CA ALA B 226 15.89 -20.03 -7.84
C ALA B 226 16.32 -20.92 -9.01
N LYS B 227 15.36 -21.46 -9.73
CA LYS B 227 15.65 -22.47 -10.74
C LYS B 227 15.23 -22.06 -12.16
N CYS B 228 16.01 -22.48 -13.14
CA CYS B 228 15.70 -22.23 -14.53
C CYS B 228 14.45 -22.98 -14.96
N ALA B 229 13.55 -22.28 -15.65
CA ALA B 229 12.34 -22.89 -16.15
C ALA B 229 12.70 -24.04 -17.08
N GLY B 230 11.92 -25.11 -17.04
CA GLY B 230 12.14 -26.25 -17.91
C GLY B 230 13.25 -27.19 -17.46
N THR B 231 14.47 -26.67 -17.37
CA THR B 231 15.63 -27.49 -17.04
C THR B 231 15.81 -27.72 -15.53
N ASN B 232 15.41 -26.73 -14.74
CA ASN B 232 15.46 -26.81 -13.27
C ASN B 232 16.87 -26.82 -12.68
N THR B 233 17.78 -26.26 -13.47
CA THR B 233 19.14 -25.88 -13.06
C THR B 233 19.06 -24.65 -12.16
N PRO B 234 19.96 -24.54 -11.16
CA PRO B 234 19.94 -23.30 -10.37
C PRO B 234 20.34 -22.10 -11.22
N VAL B 235 19.61 -21.00 -11.07
CA VAL B 235 19.86 -19.80 -11.85
C VAL B 235 21.31 -19.34 -11.66
N ARG B 236 21.84 -19.47 -10.44
CA ARG B 236 23.18 -18.97 -10.18
C ARG B 236 24.29 -19.77 -10.90
N ALA B 237 23.93 -20.91 -11.48
CA ALA B 237 24.92 -21.77 -12.15
C ALA B 237 25.03 -21.47 -13.65
N VAL B 238 24.12 -20.66 -14.17
CA VAL B 238 24.08 -20.38 -15.60
C VAL B 238 25.34 -19.71 -16.11
N THR B 239 25.84 -20.18 -17.25
CA THR B 239 27.00 -19.57 -17.89
C THR B 239 26.53 -18.57 -18.95
N GLU B 240 27.26 -17.46 -19.09
CA GLU B 240 26.86 -16.47 -20.09
C GLU B 240 26.89 -17.06 -21.50
N ALA B 241 27.78 -18.03 -21.70
CA ALA B 241 27.90 -18.72 -22.98
C ALA B 241 26.59 -19.39 -23.35
N SER B 242 25.90 -19.92 -22.35
CA SER B 242 24.67 -20.66 -22.57
C SER B 242 23.48 -19.76 -22.88
N THR B 243 23.65 -18.46 -22.66
CA THR B 243 22.55 -17.51 -22.89
C THR B 243 22.70 -16.77 -24.22
N SER B 244 21.56 -16.33 -24.76
CA SER B 244 21.54 -15.62 -26.03
C SER B 244 20.71 -14.34 -25.95
N PRO B 245 21.28 -13.21 -26.42
CA PRO B 245 20.52 -11.97 -26.49
C PRO B 245 19.36 -12.06 -27.49
N SER B 246 19.35 -13.11 -28.32
CA SER B 246 18.33 -13.26 -29.33
C SER B 246 17.25 -14.25 -28.92
N LYS B 247 17.27 -14.66 -27.66
CA LYS B 247 16.22 -15.52 -27.13
C LYS B 247 15.48 -14.80 -26.01
N CYS B 248 15.24 -13.51 -26.22
CA CYS B 248 14.68 -12.64 -25.19
C CYS B 248 13.37 -11.99 -25.61
N CYS C 9 -37.39 11.36 -5.05
CA CYS C 9 -36.32 11.83 -5.95
C CYS C 9 -35.17 12.48 -5.19
N PRO C 10 -33.93 12.12 -5.54
CA PRO C 10 -32.73 12.74 -4.97
C PRO C 10 -32.73 14.24 -5.12
N SER C 11 -32.36 14.94 -4.04
CA SER C 11 -32.29 16.38 -4.01
C SER C 11 -31.61 16.99 -5.23
N GLN C 12 -30.47 16.43 -5.62
CA GLN C 12 -29.69 17.04 -6.69
C GLN C 12 -30.03 16.51 -8.09
N CYS C 13 -31.02 15.61 -8.17
CA CYS C 13 -31.40 15.03 -9.46
C CYS C 13 -32.79 15.47 -9.93
N SER C 14 -33.19 15.02 -11.12
CA SER C 14 -34.52 15.29 -11.63
C SER C 14 -35.19 14.00 -12.09
N CYS C 15 -36.38 13.75 -11.58
CA CYS C 15 -37.12 12.54 -11.92
C CYS C 15 -38.43 12.89 -12.62
N ARG C 16 -38.67 12.31 -13.79
CA ARG C 16 -39.95 12.51 -14.44
C ARG C 16 -40.86 11.31 -14.18
N GLY C 17 -40.82 10.30 -15.04
CA GLY C 17 -41.65 9.14 -14.80
C GLY C 17 -40.91 8.13 -13.96
N THR C 18 -40.49 7.05 -14.61
CA THR C 18 -39.62 6.08 -13.99
C THR C 18 -38.17 6.37 -14.42
N TYR C 19 -37.96 7.59 -14.92
CA TYR C 19 -36.65 8.03 -15.37
C TYR C 19 -36.02 8.97 -14.34
N VAL C 20 -34.89 8.55 -13.77
CA VAL C 20 -34.18 9.37 -12.79
C VAL C 20 -32.91 9.93 -13.44
N ASP C 21 -32.88 11.25 -13.62
CA ASP C 21 -31.77 11.90 -14.30
C ASP C 21 -30.81 12.55 -13.30
N CYS C 22 -29.66 11.91 -13.11
CA CYS C 22 -28.62 12.41 -12.22
C CYS C 22 -27.37 12.80 -13.03
N ASP C 23 -27.55 13.01 -14.33
CA ASP C 23 -26.39 13.24 -15.19
C ASP C 23 -25.83 14.65 -15.06
N SER C 24 -24.50 14.75 -15.14
CA SER C 24 -23.81 16.02 -15.17
C SER C 24 -24.11 16.90 -13.95
N ARG C 25 -24.14 16.30 -12.76
CA ARG C 25 -24.46 17.07 -11.56
C ARG C 25 -23.30 17.08 -10.56
N ARG C 26 -22.10 16.84 -11.08
CA ARG C 26 -20.86 16.94 -10.32
C ARG C 26 -20.92 16.11 -9.05
N LEU C 27 -21.52 14.94 -9.18
CA LEU C 27 -21.71 14.04 -8.06
C LEU C 27 -20.45 13.24 -7.76
N ALA C 28 -20.09 13.16 -6.47
CA ALA C 28 -18.92 12.41 -6.01
C ALA C 28 -19.27 10.97 -5.67
N SER C 29 -20.56 10.69 -5.50
CA SER C 29 -21.03 9.35 -5.21
C SER C 29 -22.50 9.24 -5.61
N VAL C 30 -23.04 8.02 -5.66
CA VAL C 30 -24.45 7.83 -5.98
C VAL C 30 -25.32 8.44 -4.88
N PRO C 31 -26.23 9.36 -5.24
CA PRO C 31 -27.03 10.07 -4.24
C PRO C 31 -28.10 9.17 -3.57
N ALA C 32 -28.49 9.52 -2.35
CA ALA C 32 -29.28 8.64 -1.49
C ALA C 32 -30.72 8.34 -1.91
N GLY C 33 -31.44 9.32 -2.44
CA GLY C 33 -32.90 9.16 -2.55
C GLY C 33 -33.53 8.61 -3.81
N ILE C 34 -32.88 7.67 -4.48
CA ILE C 34 -33.41 7.16 -5.76
C ILE C 34 -34.64 6.27 -5.53
N PRO C 35 -35.75 6.57 -6.24
CA PRO C 35 -37.00 5.83 -6.08
C PRO C 35 -36.95 4.38 -6.55
N THR C 36 -37.60 3.49 -5.79
CA THR C 36 -37.64 2.07 -6.07
C THR C 36 -38.20 1.73 -7.46
N ASN C 37 -39.04 2.62 -7.98
CA ASN C 37 -39.73 2.40 -9.25
C ASN C 37 -38.88 2.75 -10.48
N VAL C 38 -37.66 3.23 -10.26
CA VAL C 38 -36.82 3.68 -11.37
C VAL C 38 -36.62 2.56 -12.39
N GLN C 39 -36.76 2.90 -13.66
CA GLN C 39 -36.47 1.97 -14.74
C GLN C 39 -35.24 2.39 -15.56
N ILE C 40 -34.99 3.70 -15.60
CA ILE C 40 -33.78 4.23 -16.25
C ILE C 40 -33.04 5.14 -15.28
N LEU C 41 -31.80 4.79 -14.96
CA LEU C 41 -31.02 5.61 -14.05
C LEU C 41 -29.84 6.16 -14.82
N ASN C 42 -29.80 7.49 -14.93
CA ASN C 42 -28.78 8.16 -15.72
C ASN C 42 -27.77 8.84 -14.79
N LEU C 43 -26.61 8.23 -14.65
CA LEU C 43 -25.55 8.79 -13.80
C LEU C 43 -24.36 9.27 -14.64
N TYR C 44 -24.60 9.49 -15.92
CA TYR C 44 -23.57 9.93 -16.86
C TYR C 44 -22.89 11.23 -16.45
N ASN C 45 -21.57 11.30 -16.67
CA ASN C 45 -20.81 12.53 -16.53
C ASN C 45 -20.83 13.10 -15.10
N ASN C 46 -20.33 12.31 -14.16
CA ASN C 46 -20.11 12.79 -12.81
C ASN C 46 -18.67 12.43 -12.36
N GLN C 47 -18.41 12.55 -11.07
CA GLN C 47 -17.08 12.24 -10.52
C GLN C 47 -17.13 11.07 -9.57
N ILE C 48 -17.91 10.06 -9.91
CA ILE C 48 -18.06 8.93 -9.00
C ILE C 48 -16.85 7.97 -9.08
N THR C 49 -16.19 7.79 -7.94
CA THR C 49 -14.97 7.00 -7.92
C THR C 49 -15.19 5.60 -7.36
N ASN C 50 -16.14 5.47 -6.43
CA ASN C 50 -16.54 4.18 -5.85
C ASN C 50 -18.05 4.00 -5.88
N LEU C 51 -18.50 2.77 -6.13
CA LEU C 51 -19.89 2.40 -5.84
C LEU C 51 -19.93 1.71 -4.47
N GLU C 52 -20.88 2.09 -3.63
CA GLU C 52 -21.09 1.37 -2.37
C GLU C 52 -21.65 -0.03 -2.67
N PRO C 53 -21.16 -1.06 -1.96
CA PRO C 53 -21.58 -2.45 -2.12
C PRO C 53 -23.10 -2.65 -2.36
N GLY C 54 -23.98 -2.11 -1.54
CA GLY C 54 -25.39 -2.45 -1.77
C GLY C 54 -26.17 -1.54 -2.70
N VAL C 55 -25.47 -0.64 -3.38
CA VAL C 55 -26.09 0.59 -3.87
C VAL C 55 -27.31 0.41 -4.82
N PHE C 56 -27.32 -0.62 -5.64
CA PHE C 56 -28.43 -0.79 -6.60
C PHE C 56 -29.41 -1.87 -6.18
N ASP C 57 -29.18 -2.50 -5.03
CA ASP C 57 -29.90 -3.74 -4.68
C ASP C 57 -31.41 -3.59 -4.60
N ARG C 58 -31.91 -2.40 -4.28
CA ARG C 58 -33.35 -2.20 -4.14
C ARG C 58 -33.99 -1.78 -5.46
N LEU C 59 -33.18 -1.45 -6.46
CA LEU C 59 -33.69 -0.88 -7.70
C LEU C 59 -34.04 -1.98 -8.69
N VAL C 60 -34.94 -2.86 -8.25
CA VAL C 60 -35.21 -4.13 -8.91
C VAL C 60 -35.92 -3.95 -10.26
N ASN C 61 -36.47 -2.77 -10.50
CA ASN C 61 -37.16 -2.50 -11.76
C ASN C 61 -36.28 -1.89 -12.85
N LEU C 62 -35.00 -1.69 -12.54
CA LEU C 62 -34.09 -1.04 -13.49
C LEU C 62 -34.00 -1.78 -14.82
N GLN C 63 -34.11 -1.06 -15.92
CA GLN C 63 -33.91 -1.64 -17.23
C GLN C 63 -32.65 -1.09 -17.90
N LYS C 64 -32.38 0.19 -17.67
CA LYS C 64 -31.21 0.85 -18.26
C LYS C 64 -30.40 1.60 -17.21
N LEU C 65 -29.09 1.38 -17.19
CA LEU C 65 -28.22 1.97 -16.20
C LEU C 65 -27.04 2.61 -16.93
N TYR C 66 -26.91 3.93 -16.81
CA TYR C 66 -25.86 4.68 -17.47
C TYR C 66 -24.79 5.13 -16.47
N LEU C 67 -23.65 4.46 -16.47
CA LEU C 67 -22.56 4.82 -15.56
C LEU C 67 -21.39 5.43 -16.32
N SER C 68 -21.62 5.74 -17.58
CA SER C 68 -20.64 6.38 -18.47
C SER C 68 -20.04 7.67 -17.90
N GLY C 69 -18.74 7.88 -18.07
CA GLY C 69 -18.14 9.16 -17.77
C GLY C 69 -18.07 9.43 -16.29
N ASN C 70 -17.50 8.46 -15.57
CA ASN C 70 -17.20 8.66 -14.17
C ASN C 70 -15.76 8.25 -13.92
N GLN C 71 -15.42 7.92 -12.68
CA GLN C 71 -14.02 7.65 -12.35
C GLN C 71 -13.84 6.33 -11.63
N LEU C 72 -14.64 5.34 -12.01
CA LEU C 72 -14.58 4.05 -11.33
C LEU C 72 -13.35 3.25 -11.73
N GLN C 73 -12.65 2.70 -10.75
CA GLN C 73 -11.52 1.82 -11.01
C GLN C 73 -11.91 0.37 -10.79
N ALA C 74 -12.93 0.15 -9.96
CA ALA C 74 -13.45 -1.19 -9.72
C ALA C 74 -14.95 -1.16 -9.55
N LEU C 75 -15.53 -2.35 -9.48
CA LEU C 75 -16.95 -2.56 -9.19
C LEU C 75 -17.05 -3.48 -7.97
N PRO C 76 -17.93 -3.16 -7.01
CA PRO C 76 -18.03 -4.11 -5.90
C PRO C 76 -18.56 -5.47 -6.34
N VAL C 77 -18.11 -6.53 -5.68
CA VAL C 77 -18.60 -7.87 -5.99
C VAL C 77 -20.13 -7.88 -5.81
N GLY C 78 -20.84 -8.40 -6.81
CA GLY C 78 -22.28 -8.51 -6.75
C GLY C 78 -23.10 -7.24 -6.98
N VAL C 79 -22.46 -6.17 -7.42
CA VAL C 79 -23.14 -4.88 -7.47
C VAL C 79 -24.37 -4.88 -8.40
N PHE C 80 -24.40 -5.76 -9.40
CA PHE C 80 -25.54 -5.80 -10.34
C PHE C 80 -26.48 -6.98 -10.11
N ASP C 81 -26.22 -7.78 -9.08
CA ASP C 81 -26.88 -9.08 -8.99
C ASP C 81 -28.40 -9.04 -8.82
N LYS C 82 -28.95 -7.94 -8.31
CA LYS C 82 -30.40 -7.83 -8.11
C LYS C 82 -31.14 -7.29 -9.33
N LEU C 83 -30.41 -6.87 -10.35
CA LEU C 83 -31.02 -6.14 -11.46
C LEU C 83 -31.46 -7.08 -12.60
N SER C 84 -32.39 -7.98 -12.31
CA SER C 84 -32.72 -9.04 -13.27
C SER C 84 -33.38 -8.54 -14.55
N GLN C 85 -33.94 -7.34 -14.52
CA GLN C 85 -34.61 -6.77 -15.69
C GLN C 85 -33.68 -5.95 -16.59
N LEU C 86 -32.43 -5.79 -16.20
CA LEU C 86 -31.56 -4.85 -16.91
C LEU C 86 -31.30 -5.29 -18.35
N THR C 87 -31.46 -4.38 -19.31
CA THR C 87 -31.17 -4.70 -20.71
C THR C 87 -30.03 -3.85 -21.29
N PHE C 88 -29.74 -2.73 -20.64
CA PHE C 88 -28.74 -1.75 -21.12
C PHE C 88 -27.80 -1.38 -19.98
N LEU C 89 -26.50 -1.59 -20.19
CA LEU C 89 -25.51 -1.18 -19.19
C LEU C 89 -24.34 -0.50 -19.89
N SER C 90 -24.07 0.74 -19.52
CA SER C 90 -22.94 1.45 -20.08
C SER C 90 -21.95 1.82 -18.97
N LEU C 91 -20.70 1.43 -19.19
CA LEU C 91 -19.62 1.65 -18.23
C LEU C 91 -18.47 2.36 -18.89
N ASP C 92 -18.72 2.94 -20.07
CA ASP C 92 -17.64 3.51 -20.86
C ASP C 92 -17.09 4.78 -20.22
N GLU C 93 -15.87 5.12 -20.61
CA GLU C 93 -15.14 6.26 -20.05
C GLU C 93 -15.15 6.24 -18.54
N ASN C 94 -14.68 5.13 -17.99
CA ASN C 94 -14.32 5.12 -16.58
C ASN C 94 -12.83 4.82 -16.50
N LYS C 95 -12.37 4.27 -15.38
CA LYS C 95 -10.96 3.92 -15.25
C LYS C 95 -10.78 2.48 -14.80
N LEU C 96 -11.65 1.58 -15.28
CA LEU C 96 -11.74 0.24 -14.71
C LEU C 96 -10.50 -0.58 -15.05
N THR C 97 -9.88 -1.15 -14.01
CA THR C 97 -8.69 -1.95 -14.23
C THR C 97 -8.99 -3.45 -14.14
N ALA C 98 -10.16 -3.78 -13.63
CA ALA C 98 -10.62 -5.17 -13.60
C ALA C 98 -12.12 -5.22 -13.37
N LEU C 99 -12.71 -6.37 -13.65
CA LEU C 99 -14.11 -6.63 -13.34
C LEU C 99 -14.21 -7.77 -12.32
N PRO C 100 -15.21 -7.74 -11.43
CA PRO C 100 -15.40 -8.83 -10.46
C PRO C 100 -15.76 -10.13 -11.15
N ASN C 101 -15.36 -11.28 -10.60
CA ASN C 101 -15.79 -12.56 -11.17
C ASN C 101 -17.31 -12.63 -11.13
N GLY C 102 -17.92 -13.08 -12.22
CA GLY C 102 -19.37 -13.18 -12.34
C GLY C 102 -20.18 -11.89 -12.36
N VAL C 103 -19.53 -10.77 -12.64
CA VAL C 103 -20.17 -9.47 -12.47
C VAL C 103 -21.48 -9.31 -13.26
N PHE C 104 -21.57 -9.95 -14.42
CA PHE C 104 -22.78 -9.82 -15.23
C PHE C 104 -23.68 -11.04 -15.18
N ASP C 105 -23.33 -12.04 -14.38
CA ASP C 105 -24.00 -13.35 -14.49
C ASP C 105 -25.53 -13.35 -14.29
N LYS C 106 -26.05 -12.38 -13.53
CA LYS C 106 -27.49 -12.31 -13.26
C LYS C 106 -28.25 -11.42 -14.25
N LEU C 107 -27.52 -10.80 -15.19
CA LEU C 107 -28.16 -9.90 -16.14
C LEU C 107 -28.53 -10.67 -17.39
N THR C 108 -29.37 -11.69 -17.23
CA THR C 108 -29.68 -12.59 -18.34
C THR C 108 -30.38 -11.91 -19.49
N GLU C 109 -31.02 -10.77 -19.25
CA GLU C 109 -31.81 -10.11 -20.27
C GLU C 109 -31.04 -8.99 -20.96
N LEU C 110 -29.75 -8.90 -20.66
CA LEU C 110 -28.92 -7.82 -21.21
C LEU C 110 -28.78 -7.91 -22.73
N THR C 111 -28.98 -6.77 -23.41
CA THR C 111 -28.74 -6.72 -24.84
C THR C 111 -27.67 -5.69 -25.27
N TYR C 112 -27.35 -4.75 -24.37
CA TYR C 112 -26.35 -3.72 -24.63
C TYR C 112 -25.33 -3.63 -23.50
N LEU C 113 -24.05 -3.81 -23.83
CA LEU C 113 -22.97 -3.69 -22.84
C LEU C 113 -21.83 -2.86 -23.42
N ASN C 114 -21.47 -1.77 -22.74
CA ASN C 114 -20.44 -0.87 -23.24
C ASN C 114 -19.32 -0.68 -22.22
N LEU C 115 -18.15 -1.20 -22.54
CA LEU C 115 -16.97 -1.10 -21.69
C LEU C 115 -15.90 -0.22 -22.33
N ASN C 116 -16.27 0.53 -23.37
CA ASN C 116 -15.31 1.39 -24.09
C ASN C 116 -14.50 2.31 -23.18
N THR C 117 -13.24 2.53 -23.54
CA THR C 117 -12.40 3.49 -22.85
C THR C 117 -12.35 3.23 -21.34
N ASN C 118 -11.70 2.12 -20.99
CA ASN C 118 -11.32 1.87 -19.63
C ASN C 118 -9.86 1.43 -19.62
N GLN C 119 -9.43 0.75 -18.55
CA GLN C 119 -8.03 0.30 -18.44
C GLN C 119 -7.95 -1.21 -18.25
N LEU C 120 -8.84 -1.95 -18.89
CA LEU C 120 -8.90 -3.40 -18.70
C LEU C 120 -7.81 -4.13 -19.50
N THR C 121 -7.15 -5.09 -18.85
CA THR C 121 -6.10 -5.84 -19.52
C THR C 121 -6.53 -7.27 -19.79
N ALA C 122 -7.51 -7.74 -19.01
CA ALA C 122 -8.06 -9.06 -19.19
C ALA C 122 -9.46 -9.07 -18.57
N LEU C 123 -10.29 -10.03 -18.94
CA LEU C 123 -11.61 -10.15 -18.33
C LEU C 123 -11.72 -11.48 -17.60
N PRO C 124 -12.63 -11.57 -16.60
CA PRO C 124 -12.86 -12.86 -15.94
C PRO C 124 -13.19 -13.94 -16.95
N GLU C 125 -12.72 -15.16 -16.73
CA GLU C 125 -13.07 -16.25 -17.63
C GLU C 125 -14.59 -16.45 -17.58
N GLY C 126 -15.22 -16.50 -18.74
CA GLY C 126 -16.66 -16.73 -18.81
C GLY C 126 -17.54 -15.53 -18.47
N VAL C 127 -16.93 -14.35 -18.45
CA VAL C 127 -17.62 -13.13 -18.02
C VAL C 127 -18.89 -12.87 -18.84
N PHE C 128 -18.91 -13.31 -20.09
CA PHE C 128 -20.07 -13.10 -20.96
C PHE C 128 -20.97 -14.32 -21.12
N ASP C 129 -20.69 -15.40 -20.40
CA ASP C 129 -21.33 -16.68 -20.68
C ASP C 129 -22.86 -16.68 -20.49
N ARG C 130 -23.34 -15.93 -19.50
CA ARG C 130 -24.76 -15.90 -19.20
C ARG C 130 -25.54 -14.88 -20.06
N LEU C 131 -24.82 -14.10 -20.87
CA LEU C 131 -25.45 -13.00 -21.61
C LEU C 131 -25.94 -13.41 -23.01
N VAL C 132 -26.80 -14.42 -23.06
CA VAL C 132 -27.15 -15.06 -24.32
C VAL C 132 -27.91 -14.14 -25.30
N HIS C 133 -28.58 -13.11 -24.78
CA HIS C 133 -29.35 -12.21 -25.65
C HIS C 133 -28.59 -10.95 -26.12
N LEU C 134 -27.29 -10.88 -25.86
CA LEU C 134 -26.54 -9.66 -26.14
C LEU C 134 -26.54 -9.29 -27.63
N LYS C 135 -26.94 -8.05 -27.92
CA LYS C 135 -26.88 -7.52 -29.29
C LYS C 135 -25.62 -6.67 -29.53
N GLU C 136 -25.23 -5.86 -28.55
CA GLU C 136 -24.08 -4.97 -28.73
C GLU C 136 -23.03 -5.15 -27.62
N LEU C 137 -21.79 -5.36 -28.03
CA LEU C 137 -20.71 -5.53 -27.07
C LEU C 137 -19.55 -4.63 -27.48
N LEU C 138 -19.35 -3.56 -26.74
CA LEU C 138 -18.35 -2.55 -27.10
C LEU C 138 -17.24 -2.52 -26.06
N MET C 139 -16.01 -2.79 -26.51
CA MET C 139 -14.85 -2.82 -25.61
C MET C 139 -13.64 -2.12 -26.21
N CYS C 140 -13.86 -1.07 -27.00
CA CYS C 140 -12.75 -0.35 -27.58
C CYS C 140 -11.90 0.31 -26.51
N CYS C 141 -10.68 0.67 -26.89
CA CYS C 141 -9.89 1.62 -26.13
C CYS C 141 -9.63 1.10 -24.72
N ASN C 142 -9.30 -0.18 -24.66
CA ASN C 142 -8.77 -0.76 -23.44
C ASN C 142 -7.38 -1.30 -23.71
N LYS C 143 -6.97 -2.30 -22.95
CA LYS C 143 -5.64 -2.86 -23.14
C LYS C 143 -5.67 -4.38 -23.37
N LEU C 144 -6.71 -4.84 -24.03
CA LEU C 144 -6.89 -6.27 -24.28
C LEU C 144 -5.87 -6.81 -25.26
N THR C 145 -5.30 -7.97 -24.94
CA THR C 145 -4.25 -8.56 -25.77
C THR C 145 -4.70 -9.84 -26.48
N GLU C 146 -5.87 -10.35 -26.11
CA GLU C 146 -6.51 -11.43 -26.87
C GLU C 146 -8.01 -11.31 -26.76
N LEU C 147 -8.71 -11.91 -27.71
CA LEU C 147 -10.17 -11.88 -27.70
C LEU C 147 -10.67 -12.62 -26.47
N PRO C 148 -11.51 -11.96 -25.64
CA PRO C 148 -12.08 -12.64 -24.47
C PRO C 148 -12.82 -13.91 -24.87
N ARG C 149 -12.49 -15.02 -24.22
CA ARG C 149 -13.17 -16.28 -24.48
C ARG C 149 -14.67 -16.15 -24.15
N GLY C 150 -15.51 -16.74 -24.98
CA GLY C 150 -16.95 -16.69 -24.78
C GLY C 150 -17.66 -15.83 -25.82
N ILE C 151 -16.92 -14.90 -26.40
CA ILE C 151 -17.51 -13.99 -27.39
C ILE C 151 -18.06 -14.73 -28.61
N GLU C 152 -17.43 -15.85 -28.97
CA GLU C 152 -17.88 -16.63 -30.14
C GLU C 152 -19.28 -17.20 -29.97
N ARG C 153 -19.71 -17.37 -28.72
CA ARG C 153 -21.03 -17.95 -28.43
C ARG C 153 -22.15 -16.92 -28.45
N LEU C 154 -21.81 -15.65 -28.67
CA LEU C 154 -22.81 -14.58 -28.63
C LEU C 154 -23.49 -14.38 -29.99
N THR C 155 -24.32 -15.35 -30.37
CA THR C 155 -24.86 -15.42 -31.73
C THR C 155 -25.75 -14.26 -32.18
N HIS C 156 -26.28 -13.45 -31.26
CA HIS C 156 -27.18 -12.37 -31.67
C HIS C 156 -26.50 -11.01 -31.78
N LEU C 157 -25.17 -10.99 -31.67
CA LEU C 157 -24.44 -9.73 -31.79
C LEU C 157 -24.70 -9.06 -33.14
N THR C 158 -25.11 -7.79 -33.10
CA THR C 158 -25.15 -6.94 -34.29
C THR C 158 -23.98 -5.95 -34.33
N HIS C 159 -23.49 -5.56 -33.14
CA HIS C 159 -22.37 -4.63 -33.02
C HIS C 159 -21.26 -5.22 -32.14
N LEU C 160 -20.03 -5.22 -32.63
CA LEU C 160 -18.92 -5.70 -31.83
C LEU C 160 -17.74 -4.75 -31.99
N ALA C 161 -17.35 -4.06 -30.92
CA ALA C 161 -16.25 -3.11 -30.99
C ALA C 161 -15.00 -3.59 -30.27
N LEU C 162 -13.92 -3.76 -31.03
CA LEU C 162 -12.67 -4.25 -30.49
C LEU C 162 -11.52 -3.31 -30.79
N ASP C 163 -11.86 -2.16 -31.39
CA ASP C 163 -10.84 -1.25 -31.91
C ASP C 163 -9.98 -0.63 -30.82
N GLN C 164 -8.73 -0.30 -31.19
CA GLN C 164 -7.83 0.43 -30.30
C GLN C 164 -7.52 -0.35 -29.03
N ASN C 165 -7.36 -1.65 -29.19
CA ASN C 165 -6.75 -2.49 -28.17
C ASN C 165 -5.37 -2.95 -28.58
N GLN C 166 -4.95 -4.09 -28.05
CA GLN C 166 -3.64 -4.61 -28.41
C GLN C 166 -3.74 -6.05 -28.93
N LEU C 167 -4.80 -6.33 -29.68
CA LEU C 167 -5.01 -7.65 -30.25
C LEU C 167 -4.04 -7.92 -31.41
N LYS C 168 -3.50 -9.14 -31.46
CA LYS C 168 -2.58 -9.53 -32.52
C LYS C 168 -3.23 -10.49 -33.52
N SER C 169 -4.21 -11.26 -33.07
CA SER C 169 -4.93 -12.16 -33.96
C SER C 169 -6.30 -12.50 -33.42
N ILE C 170 -7.11 -13.18 -34.24
CA ILE C 170 -8.39 -13.69 -33.79
C ILE C 170 -8.35 -15.21 -33.90
N PRO C 171 -8.63 -15.91 -32.79
CA PRO C 171 -8.60 -17.38 -32.77
C PRO C 171 -9.49 -17.97 -33.86
N HIS C 172 -9.02 -19.07 -34.48
CA HIS C 172 -9.72 -19.66 -35.61
C HIS C 172 -11.19 -19.97 -35.29
N GLY C 173 -12.08 -19.48 -36.14
CA GLY C 173 -13.50 -19.77 -36.02
C GLY C 173 -14.27 -18.92 -35.03
N ALA C 174 -13.61 -17.92 -34.43
CA ALA C 174 -14.21 -17.13 -33.37
C ALA C 174 -15.43 -16.33 -33.81
N PHE C 175 -15.46 -15.89 -35.06
CA PHE C 175 -16.53 -15.05 -35.55
C PHE C 175 -17.61 -15.81 -36.32
N ASP C 176 -17.39 -17.10 -36.52
CA ASP C 176 -18.20 -17.86 -37.49
C ASP C 176 -19.68 -17.95 -37.14
N ARG C 177 -20.01 -17.97 -35.85
CA ARG C 177 -21.41 -18.09 -35.45
C ARG C 177 -22.07 -16.72 -35.32
N LEU C 178 -21.32 -15.66 -35.61
CA LEU C 178 -21.81 -14.30 -35.43
C LEU C 178 -22.51 -13.78 -36.69
N SER C 179 -23.64 -14.41 -37.01
CA SER C 179 -24.36 -14.20 -38.27
C SER C 179 -25.10 -12.88 -38.38
N SER C 180 -25.35 -12.25 -37.24
CA SER C 180 -26.20 -11.07 -37.21
C SER C 180 -25.38 -9.78 -37.19
N LEU C 181 -24.06 -9.93 -37.18
CA LEU C 181 -23.14 -8.78 -37.19
C LEU C 181 -23.41 -7.82 -38.33
N THR C 182 -23.67 -6.56 -38.00
CA THR C 182 -23.78 -5.52 -39.02
C THR C 182 -22.65 -4.50 -38.89
N HIS C 183 -22.11 -4.38 -37.68
CA HIS C 183 -21.03 -3.45 -37.38
C HIS C 183 -19.93 -4.13 -36.57
N ALA C 184 -18.74 -4.22 -37.16
CA ALA C 184 -17.59 -4.82 -36.50
C ALA C 184 -16.41 -3.86 -36.60
N TYR C 185 -15.92 -3.42 -35.44
CA TYR C 185 -14.83 -2.45 -35.39
C TYR C 185 -13.54 -3.14 -35.02
N LEU C 186 -12.57 -3.13 -35.92
CA LEU C 186 -11.34 -3.89 -35.73
C LEU C 186 -10.07 -3.03 -35.82
N PHE C 187 -10.23 -1.77 -36.19
CA PHE C 187 -9.09 -0.90 -36.48
C PHE C 187 -8.24 -0.60 -35.23
N GLY C 188 -7.04 -0.08 -35.43
CA GLY C 188 -6.24 0.34 -34.29
C GLY C 188 -5.69 -0.79 -33.45
N ASN C 189 -5.66 -2.00 -34.01
CA ASN C 189 -4.99 -3.13 -33.37
C ASN C 189 -3.72 -3.51 -34.13
N PRO C 190 -2.64 -3.84 -33.41
CA PRO C 190 -1.39 -4.28 -34.02
C PRO C 190 -1.48 -5.71 -34.56
N TRP C 191 -2.36 -5.95 -35.52
CA TRP C 191 -2.49 -7.28 -36.12
C TRP C 191 -1.14 -7.82 -36.62
N ASP C 192 -0.80 -9.04 -36.21
CA ASP C 192 0.47 -9.64 -36.58
C ASP C 192 0.33 -10.45 -37.87
N CYS C 193 0.67 -9.82 -38.99
CA CYS C 193 0.45 -10.45 -40.28
C CYS C 193 1.59 -11.37 -40.73
N GLU C 194 2.67 -11.44 -39.97
CA GLU C 194 3.71 -12.42 -40.25
C GLU C 194 3.33 -13.81 -39.72
N CYS C 195 2.44 -13.83 -38.72
CA CYS C 195 1.99 -15.05 -38.08
C CYS C 195 0.89 -15.72 -38.90
N ARG C 196 1.00 -17.03 -39.09
CA ARG C 196 0.06 -17.78 -39.91
C ARG C 196 -1.38 -17.68 -39.39
N ASP C 197 -1.52 -17.42 -38.10
CA ASP C 197 -2.84 -17.33 -37.45
C ASP C 197 -3.70 -16.18 -37.98
N ILE C 198 -3.06 -15.19 -38.57
CA ILE C 198 -3.78 -14.02 -39.07
C ILE C 198 -4.72 -14.41 -40.20
N MET C 199 -4.49 -15.58 -40.80
CA MET C 199 -5.23 -15.99 -41.99
C MET C 199 -6.74 -16.13 -41.76
N TYR C 200 -7.16 -16.48 -40.54
CA TYR C 200 -8.59 -16.55 -40.25
C TYR C 200 -9.23 -15.17 -40.39
N LEU C 201 -8.65 -14.18 -39.72
CA LEU C 201 -9.18 -12.82 -39.77
C LEU C 201 -9.19 -12.31 -41.20
N ARG C 202 -8.10 -12.57 -41.92
CA ARG C 202 -7.96 -12.22 -43.33
C ARG C 202 -9.16 -12.72 -44.14
N ASN C 203 -9.37 -14.03 -44.11
CA ASN C 203 -10.49 -14.62 -44.85
C ASN C 203 -11.82 -14.12 -44.36
N TRP C 204 -11.95 -13.98 -43.03
CA TRP C 204 -13.21 -13.50 -42.49
C TRP C 204 -13.54 -12.10 -42.98
N VAL C 205 -12.54 -11.22 -43.02
CA VAL C 205 -12.78 -9.84 -43.44
C VAL C 205 -13.09 -9.80 -44.94
N ALA C 206 -12.38 -10.63 -45.70
CA ALA C 206 -12.59 -10.75 -47.13
C ALA C 206 -14.04 -11.15 -47.41
N ASP C 207 -14.56 -12.08 -46.61
CA ASP C 207 -15.92 -12.59 -46.76
C ASP C 207 -16.99 -11.69 -46.14
N HIS C 208 -16.57 -10.65 -45.42
CA HIS C 208 -17.52 -9.80 -44.70
C HIS C 208 -17.19 -8.33 -44.83
N THR C 209 -16.82 -7.90 -46.04
CA THR C 209 -16.31 -6.55 -46.27
C THR C 209 -17.33 -5.47 -45.91
N SER C 210 -18.62 -5.79 -46.03
CA SER C 210 -19.67 -4.80 -45.82
C SER C 210 -19.91 -4.47 -44.35
N ILE C 211 -19.43 -5.33 -43.45
CA ILE C 211 -19.74 -5.15 -42.03
C ILE C 211 -18.55 -4.59 -41.20
N VAL C 212 -17.35 -4.58 -41.77
CA VAL C 212 -16.18 -4.01 -41.10
C VAL C 212 -16.18 -2.49 -41.14
N MET C 213 -16.07 -1.87 -39.97
CA MET C 213 -16.22 -0.42 -39.82
C MET C 213 -15.01 0.28 -39.20
N ARG C 214 -14.73 1.49 -39.66
CA ARG C 214 -13.83 2.39 -38.96
C ARG C 214 -14.68 3.50 -38.35
N TRP C 215 -14.06 4.44 -37.64
CA TRP C 215 -14.79 5.47 -36.90
C TRP C 215 -14.34 6.91 -37.18
N ASP C 216 -15.11 7.63 -37.99
CA ASP C 216 -14.88 9.06 -38.23
C ASP C 216 -15.93 9.89 -37.51
N GLY C 217 -16.02 9.75 -36.18
CA GLY C 217 -17.09 10.37 -35.43
C GLY C 217 -18.41 9.66 -35.70
N LYS C 218 -18.34 8.64 -36.54
CA LYS C 218 -19.51 7.87 -36.97
C LYS C 218 -19.02 6.58 -37.59
N ALA C 219 -19.91 5.58 -37.70
CA ALA C 219 -19.56 4.34 -38.39
C ALA C 219 -19.29 4.61 -39.87
N VAL C 220 -18.17 4.09 -40.37
CA VAL C 220 -17.81 4.20 -41.79
C VAL C 220 -17.35 2.86 -42.29
N ASN C 221 -18.01 2.33 -43.33
CA ASN C 221 -17.63 1.02 -43.85
C ASN C 221 -16.27 1.08 -44.54
N ASP C 222 -15.33 0.27 -44.07
CA ASP C 222 -13.95 0.32 -44.55
C ASP C 222 -13.24 -0.98 -44.19
N PRO C 223 -13.33 -1.98 -45.09
CA PRO C 223 -12.73 -3.29 -44.84
C PRO C 223 -11.19 -3.24 -44.81
N ASP C 224 -10.61 -2.12 -45.20
CA ASP C 224 -9.16 -1.97 -45.15
C ASP C 224 -8.65 -1.46 -43.81
N SER C 225 -9.57 -1.06 -42.93
CA SER C 225 -9.18 -0.37 -41.70
C SER C 225 -8.57 -1.31 -40.65
N ALA C 226 -8.68 -2.62 -40.87
CA ALA C 226 -7.92 -3.59 -40.08
C ALA C 226 -6.55 -3.70 -40.72
N LYS C 227 -5.52 -3.22 -40.01
CA LYS C 227 -4.19 -3.13 -40.63
C LYS C 227 -3.07 -3.87 -39.91
N CYS C 228 -2.17 -4.42 -40.71
CA CYS C 228 -1.00 -5.14 -40.20
C CYS C 228 -0.04 -4.19 -39.47
N ALA C 229 0.50 -4.65 -38.33
CA ALA C 229 1.48 -3.87 -37.59
C ALA C 229 2.74 -3.68 -38.44
N GLY C 230 3.33 -2.49 -38.37
CA GLY C 230 4.56 -2.19 -39.07
C GLY C 230 4.38 -1.74 -40.52
N THR C 231 3.86 -2.65 -41.35
CA THR C 231 3.69 -2.38 -42.78
C THR C 231 2.44 -1.58 -43.09
N ASN C 232 1.45 -1.65 -42.20
CA ASN C 232 0.18 -0.95 -42.35
C ASN C 232 -0.59 -1.36 -43.61
N THR C 233 -0.29 -2.57 -44.07
CA THR C 233 -1.02 -3.19 -45.17
C THR C 233 -2.38 -3.68 -44.68
N PRO C 234 -3.42 -3.63 -45.55
CA PRO C 234 -4.71 -4.26 -45.25
C PRO C 234 -4.58 -5.74 -44.87
N VAL C 235 -5.05 -6.11 -43.68
CA VAL C 235 -5.02 -7.51 -43.24
C VAL C 235 -5.67 -8.45 -44.26
N ARG C 236 -6.76 -8.00 -44.89
CA ARG C 236 -7.51 -8.82 -45.84
C ARG C 236 -6.74 -9.10 -47.14
N ALA C 237 -5.64 -8.38 -47.36
CA ALA C 237 -4.84 -8.56 -48.58
C ALA C 237 -3.63 -9.47 -48.35
N VAL C 238 -3.43 -9.88 -47.10
CA VAL C 238 -2.30 -10.76 -46.77
C VAL C 238 -2.39 -12.10 -47.50
N THR C 239 -1.27 -12.51 -48.09
CA THR C 239 -1.22 -13.78 -48.81
C THR C 239 -0.77 -14.90 -47.87
N GLU C 240 -1.27 -16.11 -48.11
CA GLU C 240 -0.89 -17.28 -47.33
C GLU C 240 0.63 -17.48 -47.35
N ALA C 241 1.23 -17.24 -48.51
CA ALA C 241 2.66 -17.38 -48.70
C ALA C 241 3.49 -16.41 -47.85
N SER C 242 2.93 -15.22 -47.59
CA SER C 242 3.64 -14.20 -46.83
C SER C 242 3.68 -14.54 -45.34
N THR C 243 2.80 -15.43 -44.91
CA THR C 243 2.71 -15.82 -43.49
C THR C 243 3.53 -17.06 -43.17
N SER C 244 3.92 -17.18 -41.90
CA SER C 244 4.70 -18.30 -41.42
C SER C 244 4.20 -18.82 -40.07
N PRO C 245 4.18 -20.14 -39.89
CA PRO C 245 3.84 -20.73 -38.58
C PRO C 245 4.94 -20.61 -37.54
N SER C 246 6.17 -20.31 -37.96
CA SER C 246 7.31 -20.22 -37.04
C SER C 246 7.45 -18.82 -36.44
N LYS C 247 6.51 -17.94 -36.74
CA LYS C 247 6.57 -16.57 -36.23
C LYS C 247 5.30 -16.22 -35.46
N CYS C 248 5.23 -16.65 -34.21
CA CYS C 248 4.07 -16.36 -33.36
C CYS C 248 4.46 -16.15 -31.91
#